data_2XY3
#
_entry.id   2XY3
#
_cell.length_a   98.474
_cell.length_b   98.400
_cell.length_c   97.993
_cell.angle_alpha   90.00
_cell.angle_beta   90.00
_cell.angle_gamma   90.00
#
_symmetry.space_group_name_H-M   'P 21 21 21'
#
loop_
_entity.id
_entity.type
_entity.pdbx_description
1 polymer "SPBC2 PROPHAGE-DERIVED DEOXYURIDINE 5'-TRIPHOSPHATE NUCLEOTIDOHYDROLASE YOSS"
2 non-polymer "2'-DEOXYURIDINE 5'-ALPHA,BETA-IMIDO-TRIPHOSPHATE"
3 non-polymer 'MAGNESIUM ION'
4 water water
#
_entity_poly.entity_id   1
_entity_poly.type   'polypeptide(L)'
_entity_poly.pdbx_seq_one_letter_code
;MQIKIKYLDETQTRINKMEQGDWIDLRAAEDVAIKKDEFKLVPLGVAMELPEGYEAHVVPRSSTYKNFGVIQTNSMGVID
ESYKGDNDFWFFPAYALRDTKIKKGDRICQFRIMKKMPAVDLIEVDRLGNGDRGGHGSTGTK
;
_entity_poly.pdbx_strand_id   A,B,C,D,E,F
#
# COMPACT_ATOMS: atom_id res chain seq x y z
N MET A 1 -30.04 -31.48 -12.39
CA MET A 1 -28.74 -31.37 -13.12
C MET A 1 -27.81 -32.45 -12.65
N GLN A 2 -27.24 -33.19 -13.59
CA GLN A 2 -26.40 -34.33 -13.22
C GLN A 2 -24.99 -34.27 -13.79
N ILE A 3 -24.08 -34.90 -13.06
CA ILE A 3 -22.72 -35.01 -13.48
C ILE A 3 -22.44 -36.49 -13.59
N LYS A 4 -21.86 -36.87 -14.71
CA LYS A 4 -21.47 -38.24 -14.91
C LYS A 4 -19.98 -38.27 -14.60
N ILE A 5 -19.55 -39.33 -13.93
CA ILE A 5 -18.22 -39.36 -13.40
C ILE A 5 -17.61 -40.77 -13.48
N LYS A 6 -16.45 -40.87 -14.13
CA LYS A 6 -15.72 -42.11 -14.25
C LYS A 6 -14.60 -42.10 -13.24
N TYR A 7 -14.43 -43.20 -12.49
CA TYR A 7 -13.33 -43.32 -11.55
C TYR A 7 -12.17 -44.06 -12.19
N LEU A 8 -10.95 -43.69 -11.87
CA LEU A 8 -9.79 -44.29 -12.51
C LEU A 8 -9.83 -45.78 -12.35
N ASP A 9 -10.34 -46.20 -11.20
CA ASP A 9 -10.36 -47.58 -10.81
C ASP A 9 -11.16 -47.71 -9.51
N GLU A 10 -11.29 -48.94 -9.04
CA GLU A 10 -12.15 -49.30 -7.91
C GLU A 10 -11.61 -48.81 -6.56
N THR A 11 -10.28 -48.70 -6.42
CA THR A 11 -9.65 -48.18 -5.20
C THR A 11 -9.97 -46.69 -4.95
N GLN A 12 -10.25 -45.89 -5.97
CA GLN A 12 -10.56 -44.49 -5.74
C GLN A 12 -11.75 -44.41 -4.80
N THR A 13 -11.78 -43.37 -3.95
CA THR A 13 -12.90 -43.16 -3.05
C THR A 13 -13.95 -42.34 -3.74
N ARG A 14 -15.15 -42.89 -3.93
CA ARG A 14 -16.29 -42.14 -4.53
C ARG A 14 -16.72 -40.98 -3.64
N ILE A 15 -17.43 -39.97 -4.18
CA ILE A 15 -17.70 -38.70 -3.42
C ILE A 15 -19.15 -38.30 -2.98
N ASN A 16 -20.16 -39.15 -3.23
CA ASN A 16 -21.55 -38.84 -2.78
C ASN A 16 -22.24 -37.63 -3.48
N MET A 18 -22.59 -34.31 -3.40
CA MET A 18 -23.82 -33.83 -2.78
C MET A 18 -24.66 -32.89 -3.68
N GLU A 19 -25.90 -32.66 -3.24
CA GLU A 19 -26.82 -31.68 -3.82
C GLU A 19 -27.15 -30.60 -2.77
N GLN A 20 -26.12 -30.24 -1.98
CA GLN A 20 -26.24 -29.27 -0.90
C GLN A 20 -25.76 -27.89 -1.37
N GLY A 21 -25.07 -27.85 -2.52
CA GLY A 21 -24.42 -26.62 -3.02
C GLY A 21 -22.97 -26.44 -2.59
N ASP A 22 -22.55 -27.07 -1.50
CA ASP A 22 -21.16 -27.01 -1.02
C ASP A 22 -20.17 -27.44 -2.09
N TRP A 23 -18.96 -26.90 -2.02
CA TRP A 23 -17.90 -27.36 -2.94
C TRP A 23 -17.55 -28.80 -2.57
N ILE A 24 -17.23 -29.62 -3.57
CA ILE A 24 -16.99 -31.03 -3.36
C ILE A 24 -15.50 -31.29 -3.33
N ASP A 25 -15.02 -31.96 -2.29
CA ASP A 25 -13.63 -32.30 -2.17
C ASP A 25 -13.25 -33.38 -3.15
N LEU A 26 -12.10 -33.19 -3.80
CA LEU A 26 -11.47 -34.21 -4.64
C LEU A 26 -10.20 -34.69 -3.99
N ARG A 27 -9.76 -35.89 -4.33
CA ARG A 27 -8.67 -36.53 -3.62
C ARG A 27 -7.58 -37.16 -4.49
N ALA A 28 -6.40 -37.32 -3.88
CA ALA A 28 -5.24 -37.87 -4.58
C ALA A 28 -5.48 -39.32 -4.92
N ALA A 29 -5.20 -39.71 -6.16
CA ALA A 29 -5.38 -41.08 -6.68
C ALA A 29 -4.20 -42.00 -6.33
N GLU A 30 -3.07 -41.41 -5.97
CA GLU A 30 -1.91 -42.19 -5.62
C GLU A 30 -1.06 -41.35 -4.66
N ASP A 31 -0.16 -42.00 -3.97
CA ASP A 31 0.82 -41.29 -3.21
C ASP A 31 1.63 -40.42 -4.16
N VAL A 32 1.82 -39.16 -3.81
CA VAL A 32 2.78 -38.30 -4.47
C VAL A 32 3.67 -37.67 -3.40
N ALA A 33 4.97 -37.70 -3.62
CA ALA A 33 5.95 -37.03 -2.77
C ALA A 33 6.53 -35.85 -3.57
N ILE A 34 6.77 -34.73 -2.89
CA ILE A 34 7.27 -33.54 -3.60
C ILE A 34 8.30 -32.82 -2.77
N LYS A 35 9.52 -32.66 -3.27
CA LYS A 35 10.53 -31.87 -2.53
C LYS A 35 10.14 -30.37 -2.53
N LYS A 36 10.77 -29.63 -1.64
CA LYS A 36 10.63 -28.22 -1.59
C LYS A 36 11.08 -27.68 -2.91
N ASP A 37 10.37 -26.68 -3.38
CA ASP A 37 10.57 -26.03 -4.71
C ASP A 37 10.46 -26.91 -5.95
N GLU A 38 9.76 -28.03 -5.82
CA GLU A 38 9.52 -28.90 -6.97
C GLU A 38 8.01 -28.85 -7.37
N PHE A 39 7.71 -29.34 -8.56
CA PHE A 39 6.34 -29.34 -9.05
C PHE A 39 5.84 -30.77 -9.35
N LYS A 40 4.56 -31.06 -9.08
CA LYS A 40 3.97 -32.30 -9.55
C LYS A 40 2.51 -32.17 -9.78
N LEU A 41 2.04 -32.87 -10.82
CA LEU A 41 0.61 -33.08 -11.03
C LEU A 41 0.16 -34.11 -10.03
N VAL A 42 -0.80 -33.78 -9.19
CA VAL A 42 -1.38 -34.74 -8.29
C VAL A 42 -2.58 -35.24 -8.99
N PRO A 43 -2.56 -36.50 -9.42
CA PRO A 43 -3.72 -37.03 -10.12
C PRO A 43 -4.86 -37.18 -9.16
N LEU A 44 -6.06 -36.83 -9.62
CA LEU A 44 -7.29 -36.83 -8.82
C LEU A 44 -8.21 -38.02 -9.13
N GLY A 45 -7.75 -38.92 -10.00
CA GLY A 45 -8.47 -40.16 -10.31
C GLY A 45 -9.90 -40.07 -10.73
N VAL A 46 -10.31 -38.96 -11.34
CA VAL A 46 -11.70 -38.74 -11.75
C VAL A 46 -11.80 -38.07 -13.13
N ALA A 47 -12.81 -38.46 -13.91
CA ALA A 47 -13.17 -37.82 -15.17
C ALA A 47 -14.62 -37.56 -15.06
N MET A 48 -15.08 -36.45 -15.62
CA MET A 48 -16.47 -36.07 -15.52
C MET A 48 -16.99 -35.47 -16.81
N GLU A 49 -18.23 -35.80 -17.13
CA GLU A 49 -19.01 -35.02 -18.10
C GLU A 49 -19.83 -33.96 -17.34
N LEU A 50 -19.50 -32.69 -17.52
CA LEU A 50 -20.22 -31.65 -16.83
C LEU A 50 -21.54 -31.32 -17.54
N PRO A 51 -22.53 -30.80 -16.81
CA PRO A 51 -23.76 -30.41 -17.52
C PRO A 51 -23.46 -29.50 -18.71
N GLU A 52 -24.34 -29.54 -19.70
CA GLU A 52 -24.11 -28.75 -20.89
C GLU A 52 -24.12 -27.31 -20.48
N GLY A 53 -23.10 -26.59 -20.94
CA GLY A 53 -23.00 -25.14 -20.73
C GLY A 53 -22.37 -24.73 -19.40
N TYR A 54 -21.61 -25.65 -18.81
CA TYR A 54 -21.04 -25.46 -17.51
C TYR A 54 -19.54 -25.73 -17.47
N GLU A 55 -18.89 -25.03 -16.51
CA GLU A 55 -17.46 -25.13 -16.15
C GLU A 55 -17.31 -25.74 -14.78
N ALA A 56 -16.22 -26.46 -14.53
CA ALA A 56 -15.76 -26.65 -13.14
C ALA A 56 -14.57 -25.72 -12.80
N HIS A 57 -14.60 -25.21 -11.58
CA HIS A 57 -13.51 -24.44 -11.05
C HIS A 57 -12.87 -25.26 -9.94
N VAL A 58 -11.54 -25.30 -9.90
CA VAL A 58 -10.84 -26.11 -8.91
C VAL A 58 -9.85 -25.23 -8.17
N VAL A 59 -10.01 -25.14 -6.83
CA VAL A 59 -9.09 -24.44 -5.94
C VAL A 59 -8.73 -25.32 -4.77
N PRO A 60 -7.67 -24.97 -4.04
CA PRO A 60 -7.29 -25.81 -2.90
C PRO A 60 -8.33 -25.79 -1.81
N ARG A 61 -8.16 -26.64 -0.83
CA ARG A 61 -9.00 -26.53 0.35
C ARG A 61 -8.40 -25.51 1.29
N SER A 62 -9.21 -24.96 2.20
N SER A 62 -9.19 -24.94 2.20
CA SER A 62 -8.69 -24.09 3.26
CA SER A 62 -8.58 -24.02 3.17
C SER A 62 -7.42 -24.66 3.91
C SER A 62 -7.40 -24.65 3.94
N SER A 63 -7.46 -25.94 4.27
CA SER A 63 -6.33 -26.57 5.05
C SER A 63 -5.22 -27.15 4.20
N THR A 64 -5.32 -27.04 2.88
CA THR A 64 -4.31 -27.65 2.03
C THR A 64 -2.91 -27.15 2.33
N TYR A 65 -2.74 -25.82 2.45
CA TYR A 65 -1.42 -25.33 2.73
C TYR A 65 -0.93 -25.87 4.07
N LYS A 66 -1.68 -25.60 5.13
CA LYS A 66 -1.38 -26.15 6.48
C LYS A 66 -0.94 -27.60 6.42
N ASN A 67 -1.76 -28.48 5.85
CA ASN A 67 -1.46 -29.89 5.95
C ASN A 67 -0.45 -30.41 4.93
N PHE A 68 -0.25 -29.70 3.81
CA PHE A 68 0.67 -30.23 2.77
C PHE A 68 1.77 -29.29 2.23
N GLY A 69 1.64 -28.01 2.49
CA GLY A 69 2.69 -27.06 2.08
C GLY A 69 2.83 -26.91 0.57
N VAL A 70 1.72 -27.07 -0.12
CA VAL A 70 1.68 -26.89 -1.56
C VAL A 70 0.75 -25.72 -1.91
N ILE A 71 1.11 -24.99 -2.94
CA ILE A 71 0.21 -24.01 -3.53
C ILE A 71 -0.20 -24.54 -4.90
N GLN A 72 -1.32 -24.04 -5.41
CA GLN A 72 -1.86 -24.48 -6.73
C GLN A 72 -1.38 -23.54 -7.84
N THR A 73 -0.54 -24.12 -8.67
CA THR A 73 0.21 -23.47 -9.72
C THR A 73 -0.62 -22.55 -10.62
N ASN A 74 -1.78 -23.01 -11.01
CA ASN A 74 -2.62 -22.24 -11.91
C ASN A 74 -3.63 -21.39 -11.15
N SER A 75 -3.49 -21.33 -9.83
CA SER A 75 -4.39 -20.55 -8.98
C SER A 75 -5.79 -21.13 -8.98
N MET A 76 -6.43 -21.11 -10.14
CA MET A 76 -7.73 -21.73 -10.28
C MET A 76 -7.81 -22.49 -11.62
N GLY A 77 -8.22 -23.75 -11.52
CA GLY A 77 -8.31 -24.66 -12.66
C GLY A 77 -9.67 -24.49 -13.30
N VAL A 78 -9.71 -24.38 -14.60
CA VAL A 78 -10.98 -24.27 -15.29
C VAL A 78 -11.19 -25.55 -16.06
N ILE A 79 -12.09 -26.41 -15.57
CA ILE A 79 -12.47 -27.65 -16.31
C ILE A 79 -13.72 -27.31 -17.14
N ASP A 80 -13.56 -27.32 -18.45
CA ASP A 80 -14.65 -26.94 -19.36
C ASP A 80 -15.58 -28.13 -19.62
N GLU A 81 -16.84 -27.86 -19.96
CA GLU A 81 -17.77 -28.92 -20.35
C GLU A 81 -17.16 -29.87 -21.35
N SER A 82 -16.38 -29.35 -22.29
CA SER A 82 -15.82 -30.18 -23.35
C SER A 82 -14.76 -31.17 -22.92
N TYR A 83 -14.36 -31.14 -21.66
CA TYR A 83 -13.38 -32.08 -21.13
C TYR A 83 -14.21 -33.15 -20.51
N LYS A 84 -14.69 -34.06 -21.35
CA LYS A 84 -15.59 -35.11 -20.93
C LYS A 84 -15.32 -36.44 -21.54
N GLY A 85 -14.09 -36.65 -21.97
CA GLY A 85 -13.65 -37.87 -22.58
C GLY A 85 -13.32 -38.92 -21.54
N ASP A 86 -13.17 -40.13 -22.01
CA ASP A 86 -13.00 -41.29 -21.18
C ASP A 86 -11.58 -41.36 -20.63
N ASN A 87 -10.66 -40.63 -21.26
CA ASN A 87 -9.31 -40.50 -20.73
C ASN A 87 -9.01 -39.11 -20.14
N ASP A 88 -10.04 -38.31 -19.87
CA ASP A 88 -9.88 -36.91 -19.35
C ASP A 88 -9.98 -36.76 -17.82
N PHE A 89 -8.89 -37.17 -17.18
CA PHE A 89 -8.78 -37.19 -15.75
C PHE A 89 -8.31 -35.85 -15.24
N TRP A 90 -8.90 -35.44 -14.11
CA TRP A 90 -8.58 -34.18 -13.47
C TRP A 90 -7.29 -34.31 -12.67
N PHE A 91 -6.50 -33.25 -12.61
CA PHE A 91 -5.25 -33.25 -11.85
CA PHE A 91 -5.24 -33.21 -11.87
C PHE A 91 -5.18 -31.98 -10.97
N PHE A 92 -4.31 -32.00 -9.95
CA PHE A 92 -4.06 -30.81 -9.13
C PHE A 92 -2.60 -30.40 -9.25
N PRO A 93 -2.35 -29.24 -9.84
CA PRO A 93 -0.98 -28.86 -10.11
C PRO A 93 -0.40 -28.17 -8.90
N ALA A 94 0.59 -28.82 -8.30
CA ALA A 94 1.04 -28.52 -6.93
C ALA A 94 2.48 -28.11 -6.93
N TYR A 95 2.80 -27.00 -6.30
CA TYR A 95 4.19 -26.60 -6.07
C TYR A 95 4.38 -26.62 -4.62
N ALA A 96 5.43 -27.33 -4.19
CA ALA A 96 5.65 -27.56 -2.75
C ALA A 96 6.59 -26.48 -2.25
N LEU A 97 6.16 -25.78 -1.21
CA LEU A 97 6.98 -24.74 -0.63
C LEU A 97 7.82 -25.34 0.49
N ARG A 98 7.71 -26.65 0.69
CA ARG A 98 8.46 -27.43 1.65
C ARG A 98 8.30 -28.92 1.31
N ASP A 99 9.26 -29.75 1.75
CA ASP A 99 9.15 -31.21 1.59
C ASP A 99 7.79 -31.72 2.02
N THR A 100 7.18 -32.59 1.22
CA THR A 100 5.79 -32.96 1.46
C THR A 100 5.50 -34.36 0.95
N LYS A 101 4.55 -35.02 1.60
CA LYS A 101 4.00 -36.27 1.06
C LYS A 101 2.48 -36.24 0.98
N ILE A 102 1.89 -36.48 -0.19
CA ILE A 102 0.46 -36.65 -0.24
C ILE A 102 0.15 -38.14 -0.32
N LYS A 103 -0.76 -38.65 0.51
CA LYS A 103 -1.17 -40.09 0.42
C LYS A 103 -2.47 -40.32 -0.38
N LYS A 104 -2.52 -41.45 -1.08
CA LYS A 104 -3.69 -41.86 -1.83
C LYS A 104 -4.89 -41.69 -0.91
N GLY A 105 -5.96 -41.09 -1.40
CA GLY A 105 -7.12 -40.83 -0.55
C GLY A 105 -7.23 -39.44 0.05
N ASP A 106 -6.11 -38.76 0.24
CA ASP A 106 -6.11 -37.40 0.80
C ASP A 106 -7.00 -36.43 0.04
N ARG A 107 -7.78 -35.67 0.76
CA ARG A 107 -8.56 -34.62 0.18
C ARG A 107 -7.67 -33.41 -0.10
N ILE A 108 -7.36 -33.10 -1.34
CA ILE A 108 -6.47 -31.99 -1.59
C ILE A 108 -6.98 -30.78 -2.27
N CYS A 109 -8.11 -30.87 -2.89
CA CYS A 109 -8.69 -29.68 -3.47
C CYS A 109 -10.19 -29.85 -3.50
N GLN A 110 -10.88 -28.82 -3.95
CA GLN A 110 -12.34 -28.83 -4.03
C GLN A 110 -12.82 -28.13 -5.31
N PHE A 111 -14.02 -28.46 -5.77
CA PHE A 111 -14.56 -27.78 -6.94
C PHE A 111 -16.02 -27.49 -6.86
N ARG A 112 -16.45 -26.60 -7.75
CA ARG A 112 -17.85 -26.38 -8.03
C ARG A 112 -18.01 -26.16 -9.50
N ILE A 113 -19.26 -26.13 -9.92
CA ILE A 113 -19.60 -25.90 -11.31
C ILE A 113 -20.19 -24.53 -11.42
N MET A 114 -20.25 -23.99 -12.64
CA MET A 114 -20.79 -22.65 -12.80
C MET A 114 -21.02 -22.32 -14.26
N LYS A 115 -22.13 -21.64 -14.55
CA LYS A 115 -22.54 -21.39 -15.94
C LYS A 115 -21.40 -20.73 -16.68
N LYS A 116 -21.17 -21.17 -17.90
CA LYS A 116 -20.15 -20.55 -18.73
C LYS A 116 -20.63 -19.16 -18.96
N MET A 117 -19.73 -18.28 -19.33
CA MET A 117 -20.11 -16.92 -19.62
C MET A 117 -20.97 -16.99 -20.90
N PRO A 118 -21.93 -16.03 -21.04
CA PRO A 118 -22.81 -15.99 -22.23
C PRO A 118 -22.00 -15.63 -23.45
N ALA A 119 -22.64 -15.64 -24.62
CA ALA A 119 -21.93 -15.36 -25.87
C ALA A 119 -21.71 -13.87 -25.99
N VAL A 120 -20.64 -13.49 -26.70
CA VAL A 120 -20.09 -12.13 -26.62
C VAL A 120 -19.46 -11.64 -27.94
N ASP A 121 -19.84 -10.43 -28.34
CA ASP A 121 -19.21 -9.83 -29.53
C ASP A 121 -18.02 -8.98 -29.11
N LEU A 122 -16.85 -9.40 -29.55
CA LEU A 122 -15.65 -8.65 -29.29
C LEU A 122 -15.44 -7.73 -30.47
N ILE A 123 -15.41 -6.43 -30.21
CA ILE A 123 -15.47 -5.38 -31.24
C ILE A 123 -14.34 -4.38 -31.07
N GLU A 124 -13.36 -4.48 -31.95
CA GLU A 124 -12.23 -3.59 -31.85
C GLU A 124 -12.65 -2.13 -32.07
N VAL A 125 -12.02 -1.23 -31.34
CA VAL A 125 -12.29 0.21 -31.49
C VAL A 125 -10.96 0.89 -31.32
N ASP A 126 -10.83 2.10 -31.87
CA ASP A 126 -9.58 2.87 -31.78
C ASP A 126 -9.54 3.74 -30.52
N ARG A 127 -10.70 4.13 -29.99
CA ARG A 127 -10.79 4.87 -28.69
C ARG A 127 -11.97 4.41 -27.82
N LEU A 128 -11.78 4.45 -26.50
CA LEU A 128 -12.82 4.15 -25.52
C LEU A 128 -13.17 5.46 -24.82
N GLY A 129 -14.44 5.59 -24.46
CA GLY A 129 -14.96 6.81 -23.79
C GLY A 129 -13.93 7.78 -23.21
N MET B 1 -31.34 -8.07 -0.51
CA MET B 1 -30.14 -8.90 -0.29
C MET B 1 -29.37 -8.30 0.89
N GLN B 2 -29.15 -9.08 1.95
CA GLN B 2 -28.58 -8.51 3.19
C GLN B 2 -27.47 -9.36 3.84
N ILE B 3 -26.40 -8.71 4.28
CA ILE B 3 -25.35 -9.37 5.03
C ILE B 3 -25.23 -8.72 6.38
N LYS B 4 -25.19 -9.54 7.41
CA LYS B 4 -25.07 -9.07 8.77
C LYS B 4 -23.61 -9.28 9.08
N ILE B 5 -22.96 -8.25 9.61
CA ILE B 5 -21.53 -8.31 9.85
C ILE B 5 -21.16 -7.89 11.26
N LYS B 6 -20.24 -8.64 11.87
CA LYS B 6 -19.83 -8.43 13.23
C LYS B 6 -18.31 -8.20 13.31
N TYR B 7 -17.93 -7.03 13.82
CA TYR B 7 -16.54 -6.66 13.95
C TYR B 7 -15.94 -7.20 15.26
N LEU B 8 -14.64 -7.39 15.28
CA LEU B 8 -14.00 -8.05 16.39
C LEU B 8 -14.11 -7.20 17.65
N ASP B 9 -13.67 -5.95 17.53
CA ASP B 9 -13.67 -4.99 18.62
C ASP B 9 -14.09 -3.64 18.01
N GLU B 10 -14.16 -2.59 18.83
CA GLU B 10 -14.53 -1.26 18.35
C GLU B 10 -13.49 -0.72 17.38
N THR B 11 -12.24 -0.95 17.72
CA THR B 11 -11.10 -0.54 16.96
C THR B 11 -11.25 -0.73 15.44
N GLN B 12 -11.78 -1.88 15.00
CA GLN B 12 -11.81 -2.21 13.58
C GLN B 12 -12.56 -1.15 12.74
N THR B 13 -12.06 -0.90 11.54
CA THR B 13 -12.64 0.13 10.69
C THR B 13 -13.77 -0.51 9.94
N ARG B 14 -15.00 -0.10 10.24
CA ARG B 14 -16.15 -0.62 9.51
C ARG B 14 -15.98 -0.31 8.03
N ILE B 15 -16.63 -1.09 7.17
CA ILE B 15 -16.57 -0.87 5.73
C ILE B 15 -17.82 -0.12 5.13
N ASN B 16 -17.62 0.56 4.01
CA ASN B 16 -18.64 1.44 3.39
C ASN B 16 -19.63 0.59 2.61
N LYS B 17 -20.73 1.19 2.14
CA LYS B 17 -21.87 0.42 1.59
C LYS B 17 -21.65 -0.16 0.17
N MET B 18 -21.54 0.73 -0.82
CA MET B 18 -21.32 0.38 -2.25
C MET B 18 -22.65 0.35 -3.02
N GLN B 20 -24.04 -1.40 -5.60
CA GLN B 20 -23.06 -1.05 -6.66
C GLN B 20 -22.34 -2.27 -7.26
N GLY B 21 -22.24 -3.35 -6.48
CA GLY B 21 -21.71 -4.62 -6.99
C GLY B 21 -20.20 -4.87 -6.90
N ASP B 22 -19.47 -4.00 -6.21
CA ASP B 22 -18.03 -4.05 -6.24
C ASP B 22 -17.48 -4.93 -5.16
N TRP B 23 -16.36 -5.59 -5.47
CA TRP B 23 -15.71 -6.41 -4.46
C TRP B 23 -15.40 -5.46 -3.37
N ILE B 24 -15.55 -5.89 -2.13
CA ILE B 24 -15.31 -5.02 -1.00
C ILE B 24 -13.98 -5.43 -0.43
N ASP B 25 -13.17 -4.42 -0.14
CA ASP B 25 -11.86 -4.61 0.43
C ASP B 25 -12.04 -4.94 1.88
N LEU B 26 -11.15 -5.77 2.42
CA LEU B 26 -11.13 -6.06 3.84
C LEU B 26 -9.78 -5.71 4.42
N ARG B 27 -9.76 -5.37 5.70
CA ARG B 27 -8.57 -4.85 6.35
C ARG B 27 -7.96 -5.81 7.35
N ALA B 28 -6.65 -5.76 7.51
CA ALA B 28 -5.96 -6.54 8.50
C ALA B 28 -6.43 -5.99 9.84
N ALA B 29 -6.69 -6.87 10.80
CA ALA B 29 -7.20 -6.46 12.13
C ALA B 29 -6.09 -6.06 13.12
N GLU B 30 -4.88 -6.48 12.87
CA GLU B 30 -3.81 -6.12 13.76
C GLU B 30 -2.51 -6.14 12.97
N ASP B 31 -1.49 -5.44 13.47
CA ASP B 31 -0.18 -5.52 12.86
C ASP B 31 0.29 -6.96 12.86
N VAL B 32 0.80 -7.42 11.71
CA VAL B 32 1.40 -8.75 11.58
C VAL B 32 2.75 -8.73 10.84
N ALA B 33 3.81 -9.26 11.46
CA ALA B 33 5.10 -9.40 10.77
C ALA B 33 5.39 -10.85 10.29
N ILE B 34 5.77 -10.98 9.01
CA ILE B 34 6.04 -12.27 8.43
C ILE B 34 7.40 -12.23 7.81
N LYS B 35 8.25 -13.17 8.19
CA LYS B 35 9.58 -13.28 7.58
C LYS B 35 9.46 -13.93 6.21
N LYS B 36 10.46 -13.73 5.37
CA LYS B 36 10.58 -14.47 4.14
C LYS B 36 10.37 -15.97 4.35
N ASP B 37 9.60 -16.55 3.44
CA ASP B 37 9.39 -18.01 3.38
C ASP B 37 8.70 -18.55 4.61
N GLU B 38 7.79 -17.78 5.19
CA GLU B 38 7.02 -18.18 6.37
C GLU B 38 5.53 -17.83 6.18
N PHE B 39 4.66 -18.55 6.85
CA PHE B 39 3.22 -18.45 6.67
C PHE B 39 2.57 -17.94 7.94
N LYS B 40 1.52 -17.12 7.78
CA LYS B 40 0.79 -16.57 8.92
C LYS B 40 -0.62 -16.23 8.51
N LEU B 41 -1.59 -16.53 9.37
CA LEU B 41 -2.95 -16.10 9.14
C LEU B 41 -3.15 -14.63 9.53
N VAL B 42 -3.67 -13.84 8.63
CA VAL B 42 -3.91 -12.45 8.94
C VAL B 42 -5.37 -12.26 9.27
N PRO B 43 -5.67 -11.88 10.52
CA PRO B 43 -7.05 -11.73 10.87
C PRO B 43 -7.62 -10.54 10.17
N LEU B 44 -8.83 -10.68 9.65
CA LEU B 44 -9.49 -9.57 9.02
C LEU B 44 -10.57 -8.96 9.93
N GLY B 45 -10.50 -9.29 11.22
CA GLY B 45 -11.49 -8.92 12.22
C GLY B 45 -12.96 -8.79 11.85
N VAL B 46 -13.51 -9.76 11.11
CA VAL B 46 -14.93 -9.69 10.74
C VAL B 46 -15.52 -11.09 10.62
N ALA B 47 -16.79 -11.22 11.00
CA ALA B 47 -17.57 -12.46 10.82
C ALA B 47 -18.87 -12.01 10.18
N MET B 48 -19.51 -12.83 9.38
CA MET B 48 -20.68 -12.37 8.65
C MET B 48 -21.69 -13.49 8.46
N GLU B 49 -22.97 -13.11 8.46
CA GLU B 49 -24.04 -14.00 8.00
C GLU B 49 -24.34 -13.55 6.61
N LEU B 50 -24.08 -14.43 5.65
CA LEU B 50 -24.32 -14.11 4.27
C LEU B 50 -25.79 -14.40 4.03
N PRO B 51 -26.30 -14.20 2.80
CA PRO B 51 -27.64 -14.62 2.37
C PRO B 51 -27.78 -16.12 2.30
N GLU B 52 -28.99 -16.62 2.60
CA GLU B 52 -29.35 -18.02 2.35
C GLU B 52 -29.02 -18.30 0.87
N GLY B 53 -28.28 -19.38 0.61
CA GLY B 53 -27.92 -19.78 -0.76
C GLY B 53 -26.71 -19.11 -1.42
N TYR B 54 -25.86 -18.46 -0.66
CA TYR B 54 -24.74 -17.76 -1.26
C TYR B 54 -23.44 -18.16 -0.58
N GLU B 55 -22.34 -17.89 -1.29
CA GLU B 55 -20.99 -17.96 -0.69
C GLU B 55 -20.22 -16.68 -0.99
N ALA B 56 -19.14 -16.50 -0.25
CA ALA B 56 -18.22 -15.41 -0.50
C ALA B 56 -16.94 -15.97 -1.13
N HIS B 57 -16.38 -15.21 -2.05
CA HIS B 57 -15.05 -15.49 -2.55
C HIS B 57 -14.09 -14.42 -2.08
N VAL B 58 -12.91 -14.81 -1.63
CA VAL B 58 -11.91 -13.85 -1.16
C VAL B 58 -10.61 -14.04 -1.93
N VAL B 59 -10.13 -12.96 -2.51
CA VAL B 59 -8.88 -12.96 -3.23
C VAL B 59 -8.06 -11.68 -2.94
N PRO B 60 -6.75 -11.70 -3.25
CA PRO B 60 -5.96 -10.54 -2.99
C PRO B 60 -6.30 -9.36 -3.87
N ARG B 61 -5.94 -8.19 -3.43
CA ARG B 61 -5.92 -7.09 -4.35
C ARG B 61 -4.80 -7.41 -5.31
N SER B 62 -4.86 -6.77 -6.48
CA SER B 62 -3.82 -6.92 -7.47
C SER B 62 -2.52 -6.31 -6.98
N SER B 63 -2.64 -5.44 -5.97
CA SER B 63 -1.50 -4.74 -5.40
C SER B 63 -0.98 -5.39 -4.12
N THR B 64 -1.50 -6.54 -3.74
CA THR B 64 -1.11 -7.07 -2.43
C THR B 64 0.31 -7.52 -2.45
N TYR B 65 0.77 -8.03 -3.57
CA TYR B 65 2.10 -8.53 -3.59
C TYR B 65 3.12 -7.39 -3.44
N LYS B 66 3.06 -6.36 -4.30
CA LYS B 66 4.05 -5.27 -4.29
C LYS B 66 4.02 -4.44 -3.02
N ASN B 67 2.84 -4.24 -2.45
CA ASN B 67 2.72 -3.48 -1.21
C ASN B 67 3.16 -4.30 -0.01
N PHE B 68 2.70 -5.56 0.05
CA PHE B 68 2.89 -6.38 1.25
C PHE B 68 3.70 -7.67 1.09
N GLY B 69 4.13 -8.01 -0.13
CA GLY B 69 5.00 -9.16 -0.33
C GLY B 69 4.41 -10.54 -0.05
N VAL B 70 3.08 -10.64 -0.04
CA VAL B 70 2.44 -11.91 0.25
C VAL B 70 1.51 -12.43 -0.83
N ILE B 71 1.48 -13.75 -0.98
CA ILE B 71 0.43 -14.45 -1.74
C ILE B 71 -0.53 -15.18 -0.80
N GLN B 72 -1.68 -15.58 -1.34
CA GLN B 72 -2.73 -16.24 -0.57
C GLN B 72 -2.66 -17.73 -0.91
N THR B 73 -2.28 -18.56 0.07
CA THR B 73 -1.87 -19.93 -0.20
C THR B 73 -2.99 -20.86 -0.67
N ASN B 74 -4.23 -20.48 -0.47
CA ASN B 74 -5.36 -21.24 -1.00
C ASN B 74 -5.95 -20.60 -2.27
N SER B 75 -5.20 -19.64 -2.87
CA SER B 75 -5.66 -18.92 -4.08
C SER B 75 -6.92 -18.08 -3.87
N MET B 76 -8.04 -18.74 -3.65
CA MET B 76 -9.30 -18.05 -3.44
C MET B 76 -9.93 -18.76 -2.28
N GLY B 77 -10.15 -18.02 -1.20
CA GLY B 77 -10.90 -18.51 -0.08
C GLY B 77 -12.37 -18.57 -0.43
N VAL B 78 -13.01 -19.66 -0.05
CA VAL B 78 -14.44 -19.87 -0.24
C VAL B 78 -15.09 -19.87 1.14
N ILE B 79 -15.99 -18.92 1.39
CA ILE B 79 -16.70 -18.85 2.68
C ILE B 79 -18.19 -19.17 2.46
N ASP B 80 -18.69 -20.21 3.12
CA ASP B 80 -20.07 -20.69 2.92
C ASP B 80 -21.05 -19.96 3.82
N GLU B 81 -22.31 -19.92 3.38
CA GLU B 81 -23.42 -19.42 4.20
C GLU B 81 -23.30 -20.01 5.59
N SER B 82 -22.94 -21.29 5.66
CA SER B 82 -22.64 -22.03 6.89
C SER B 82 -21.74 -21.35 7.95
N TYR B 83 -20.84 -20.47 7.54
CA TYR B 83 -19.87 -19.80 8.43
C TYR B 83 -20.46 -18.48 8.86
N LYS B 84 -21.35 -18.55 9.84
CA LYS B 84 -22.13 -17.43 10.35
C LYS B 84 -22.22 -17.27 11.85
N GLY B 85 -21.34 -17.90 12.61
CA GLY B 85 -21.37 -17.83 14.07
C GLY B 85 -20.45 -16.79 14.68
N ASP B 86 -20.74 -16.40 15.88
CA ASP B 86 -20.10 -15.30 16.55
C ASP B 86 -18.59 -15.48 16.61
N ASN B 87 -18.09 -16.68 16.40
CA ASN B 87 -16.65 -16.90 16.39
C ASN B 87 -16.03 -17.11 15.03
N ASP B 88 -16.83 -16.91 13.97
CA ASP B 88 -16.45 -17.28 12.58
C ASP B 88 -15.87 -16.11 11.81
N PHE B 89 -14.64 -15.79 12.21
CA PHE B 89 -13.89 -14.67 11.75
C PHE B 89 -13.01 -15.06 10.58
N TRP B 90 -13.15 -14.27 9.52
CA TRP B 90 -12.45 -14.45 8.28
C TRP B 90 -10.98 -14.15 8.53
N PHE B 91 -10.14 -14.90 7.83
CA PHE B 91 -8.69 -14.73 7.88
CA PHE B 91 -8.69 -14.74 7.86
C PHE B 91 -8.14 -14.71 6.43
N PHE B 92 -6.98 -14.09 6.25
CA PHE B 92 -6.23 -14.14 4.99
C PHE B 92 -4.98 -15.00 5.21
N PRO B 93 -4.93 -16.17 4.59
CA PRO B 93 -3.76 -17.03 4.72
C PRO B 93 -2.65 -16.54 3.86
N ALA B 94 -1.62 -15.96 4.48
CA ALA B 94 -0.56 -15.27 3.76
C ALA B 94 0.69 -16.07 3.84
N TYR B 95 1.40 -16.19 2.73
CA TYR B 95 2.74 -16.67 2.73
C TYR B 95 3.61 -15.58 2.15
N ALA B 96 4.68 -15.23 2.87
CA ALA B 96 5.53 -14.11 2.52
C ALA B 96 6.67 -14.56 1.64
N LEU B 97 6.82 -13.93 0.48
CA LEU B 97 7.97 -14.19 -0.40
C LEU B 97 9.13 -13.21 -0.12
N ARG B 98 8.88 -12.19 0.70
CA ARG B 98 9.93 -11.36 1.31
C ARG B 98 9.53 -10.93 2.74
N ASP B 99 10.48 -10.44 3.53
CA ASP B 99 10.16 -9.86 4.85
C ASP B 99 9.15 -8.73 4.70
N THR B 100 8.17 -8.66 5.60
CA THR B 100 7.11 -7.73 5.43
C THR B 100 6.39 -7.50 6.73
N LYS B 101 5.87 -6.30 6.92
CA LYS B 101 4.98 -5.99 8.03
C LYS B 101 3.69 -5.43 7.48
N ILE B 102 2.60 -6.12 7.74
CA ILE B 102 1.30 -5.68 7.37
C ILE B 102 0.80 -4.90 8.57
N LYS B 103 0.17 -3.76 8.32
CA LYS B 103 -0.26 -2.87 9.41
C LYS B 103 -1.78 -2.74 9.55
N LYS B 104 -2.25 -2.79 10.77
CA LYS B 104 -3.65 -2.85 11.00
C LYS B 104 -4.31 -1.77 10.19
N GLY B 105 -5.34 -2.16 9.49
CA GLY B 105 -6.08 -1.25 8.68
C GLY B 105 -5.80 -1.47 7.22
N ASP B 106 -4.68 -2.15 6.92
CA ASP B 106 -4.26 -2.31 5.55
C ASP B 106 -5.25 -3.17 4.76
N ARG B 107 -5.72 -2.64 3.66
CA ARG B 107 -6.58 -3.37 2.79
C ARG B 107 -5.75 -4.30 1.91
N ILE B 108 -5.90 -5.60 2.12
CA ILE B 108 -4.98 -6.62 1.57
C ILE B 108 -5.64 -7.69 0.70
N CYS B 109 -6.96 -7.74 0.72
CA CYS B 109 -7.72 -8.67 -0.06
C CYS B 109 -9.14 -8.16 -0.15
N GLN B 110 -9.98 -8.86 -0.90
CA GLN B 110 -11.23 -8.29 -1.32
C GLN B 110 -12.24 -9.42 -1.58
N PHE B 111 -13.54 -9.14 -1.46
CA PHE B 111 -14.55 -10.20 -1.65
C PHE B 111 -15.84 -9.83 -2.33
N ARG B 112 -16.55 -10.85 -2.76
CA ARG B 112 -17.90 -10.69 -3.26
C ARG B 112 -18.68 -11.92 -2.84
N ILE B 113 -19.98 -11.94 -3.13
CA ILE B 113 -20.81 -13.10 -2.88
C ILE B 113 -21.25 -13.67 -4.19
N MET B 114 -21.70 -14.93 -4.17
CA MET B 114 -22.08 -15.65 -5.39
C MET B 114 -23.06 -16.69 -5.01
N LYS B 115 -24.07 -16.87 -5.85
CA LYS B 115 -25.07 -17.89 -5.61
C LYS B 115 -24.27 -19.16 -5.62
N LYS B 116 -24.58 -20.06 -4.69
CA LYS B 116 -23.99 -21.39 -4.69
C LYS B 116 -24.48 -22.15 -5.89
N MET B 117 -23.81 -23.25 -6.11
CA MET B 117 -24.09 -24.21 -7.13
C MET B 117 -25.48 -24.76 -6.94
N PRO B 118 -26.20 -24.98 -8.01
CA PRO B 118 -27.50 -25.64 -7.84
C PRO B 118 -27.27 -27.06 -7.38
N ALA B 119 -28.34 -27.79 -7.09
CA ALA B 119 -28.20 -29.15 -6.62
C ALA B 119 -27.86 -30.01 -7.83
N VAL B 120 -27.01 -31.01 -7.64
CA VAL B 120 -26.61 -31.89 -8.73
C VAL B 120 -26.54 -33.36 -8.29
N ASP B 121 -26.64 -34.27 -9.26
CA ASP B 121 -26.50 -35.69 -9.00
C ASP B 121 -25.18 -36.17 -9.55
N LEU B 122 -24.37 -36.76 -8.68
CA LEU B 122 -23.15 -37.43 -9.13
C LEU B 122 -23.46 -38.90 -9.44
N ILE B 123 -23.69 -39.15 -10.72
CA ILE B 123 -24.09 -40.45 -11.20
C ILE B 123 -22.81 -41.16 -11.64
N GLU B 124 -22.34 -42.13 -10.87
CA GLU B 124 -21.15 -42.90 -11.28
C GLU B 124 -21.41 -43.66 -12.61
N VAL B 125 -20.42 -43.73 -13.47
CA VAL B 125 -20.52 -44.44 -14.72
C VAL B 125 -19.17 -45.11 -14.99
N ASP B 126 -19.16 -46.05 -15.93
CA ASP B 126 -17.97 -46.87 -16.21
C ASP B 126 -17.29 -46.43 -17.52
N ARG B 127 -18.07 -45.81 -18.41
CA ARG B 127 -17.54 -45.23 -19.67
C ARG B 127 -18.07 -43.80 -19.83
N LEU B 128 -17.40 -42.97 -20.62
CA LEU B 128 -17.94 -41.64 -20.90
C LEU B 128 -18.25 -41.48 -22.39
N MET C 1 -25.06 -8.66 -25.38
CA MET C 1 -23.70 -8.75 -24.75
C MET C 1 -22.59 -8.48 -25.74
N GLN C 2 -21.97 -7.31 -25.63
CA GLN C 2 -20.75 -7.02 -26.38
C GLN C 2 -19.70 -6.32 -25.53
N ILE C 3 -18.43 -6.55 -25.87
CA ILE C 3 -17.29 -5.91 -25.24
C ILE C 3 -16.55 -5.10 -26.29
N LYS C 4 -16.30 -3.83 -26.00
CA LYS C 4 -15.36 -3.07 -26.82
C LYS C 4 -13.94 -3.34 -26.34
N ILE C 5 -13.04 -3.45 -27.30
CA ILE C 5 -11.64 -3.72 -27.04
C ILE C 5 -10.77 -2.75 -27.86
N LYS C 6 -9.82 -2.14 -27.18
CA LYS C 6 -8.79 -1.32 -27.77
C LYS C 6 -7.39 -1.94 -27.54
N TYR C 7 -6.59 -1.99 -28.59
CA TYR C 7 -5.22 -2.52 -28.58
C TYR C 7 -4.11 -1.44 -28.50
N LEU C 8 -3.08 -1.71 -27.70
CA LEU C 8 -1.95 -0.79 -27.52
C LEU C 8 -1.33 -0.31 -28.83
N ASP C 9 -1.32 -1.19 -29.84
CA ASP C 9 -0.74 -0.96 -31.14
C ASP C 9 -1.12 -2.03 -32.14
N GLU C 10 -0.74 -1.87 -33.41
CA GLU C 10 -1.07 -2.81 -34.50
C GLU C 10 -0.19 -4.05 -34.42
N THR C 11 0.98 -3.91 -33.82
CA THR C 11 1.79 -5.06 -33.39
C THR C 11 0.97 -6.15 -32.68
N GLN C 12 0.05 -5.76 -31.80
CA GLN C 12 -0.68 -6.74 -30.94
C GLN C 12 -1.54 -7.67 -31.77
N THR C 13 -1.71 -8.89 -31.28
CA THR C 13 -2.42 -9.95 -31.99
C THR C 13 -3.83 -9.92 -31.49
N ARG C 14 -4.74 -9.49 -32.35
CA ARG C 14 -6.15 -9.45 -32.01
C ARG C 14 -6.59 -10.77 -31.41
N ILE C 15 -7.39 -10.70 -30.36
CA ILE C 15 -7.83 -11.93 -29.72
C ILE C 15 -9.12 -12.39 -30.38
N ASN C 16 -9.11 -12.52 -31.70
CA ASN C 16 -10.32 -12.84 -32.40
C ASN C 16 -10.69 -14.31 -32.33
N LYS C 17 -10.79 -14.75 -31.08
CA LYS C 17 -11.42 -16.00 -30.68
C LYS C 17 -12.53 -15.60 -29.68
N MET C 18 -13.43 -14.71 -30.12
CA MET C 18 -14.60 -14.31 -29.32
C MET C 18 -15.31 -15.57 -28.84
N GLU C 19 -16.04 -15.46 -27.72
CA GLU C 19 -16.44 -16.66 -26.96
C GLU C 19 -17.43 -17.56 -27.73
N GLN C 20 -17.14 -18.86 -27.73
CA GLN C 20 -18.15 -19.89 -27.94
C GLN C 20 -18.67 -20.29 -26.53
N GLY C 21 -18.53 -19.37 -25.57
CA GLY C 21 -18.67 -19.67 -24.15
C GLY C 21 -17.35 -19.81 -23.37
N ASP C 22 -16.26 -20.09 -24.07
CA ASP C 22 -14.99 -20.40 -23.43
C ASP C 22 -14.29 -19.18 -22.85
N TRP C 23 -13.39 -19.40 -21.90
CA TRP C 23 -12.50 -18.35 -21.48
C TRP C 23 -11.65 -18.02 -22.68
N ILE C 24 -11.15 -16.80 -22.69
CA ILE C 24 -10.37 -16.29 -23.80
C ILE C 24 -8.96 -15.97 -23.37
N ASP C 25 -8.00 -16.38 -24.19
CA ASP C 25 -6.59 -16.14 -23.94
C ASP C 25 -6.15 -14.71 -24.22
N LEU C 26 -5.26 -14.20 -23.39
CA LEU C 26 -4.61 -12.93 -23.55
C LEU C 26 -3.11 -13.17 -23.72
N ARG C 27 -2.42 -12.19 -24.30
CA ARG C 27 -1.05 -12.35 -24.70
C ARG C 27 -0.14 -11.23 -24.25
N ALA C 28 1.12 -11.56 -23.92
CA ALA C 28 2.13 -10.58 -23.55
C ALA C 28 2.19 -9.53 -24.66
N ALA C 29 2.07 -8.27 -24.29
CA ALA C 29 2.18 -7.15 -25.20
C ALA C 29 3.62 -6.86 -25.60
N GLU C 30 4.58 -7.47 -24.91
CA GLU C 30 5.99 -7.28 -25.23
C GLU C 30 6.87 -8.33 -24.59
N ASP C 31 8.07 -8.51 -25.14
CA ASP C 31 9.09 -9.29 -24.50
C ASP C 31 9.26 -8.87 -23.03
N VAL C 32 9.20 -9.85 -22.14
CA VAL C 32 9.42 -9.66 -20.71
C VAL C 32 10.32 -10.77 -20.16
N ALA C 33 11.39 -10.36 -19.46
CA ALA C 33 12.33 -11.27 -18.84
C ALA C 33 12.23 -11.13 -17.33
N ILE C 34 12.00 -12.22 -16.60
CA ILE C 34 11.88 -12.14 -15.15
C ILE C 34 12.77 -13.18 -14.53
N LYS C 35 13.66 -12.75 -13.64
CA LYS C 35 14.55 -13.69 -12.95
C LYS C 35 13.90 -14.36 -11.75
N LYS C 36 14.44 -15.50 -11.36
CA LYS C 36 14.01 -16.26 -10.16
C LYS C 36 13.74 -15.37 -8.97
N ASP C 37 12.56 -15.51 -8.42
CA ASP C 37 12.09 -14.75 -7.29
C ASP C 37 11.91 -13.28 -7.63
N GLU C 38 11.82 -12.95 -8.89
CA GLU C 38 11.54 -11.59 -9.30
C GLU C 38 10.05 -11.51 -9.60
N PHE C 39 9.47 -10.31 -9.42
CA PHE C 39 8.07 -9.99 -9.78
C PHE C 39 7.99 -8.91 -10.88
N LYS C 40 7.09 -9.10 -11.84
CA LYS C 40 6.81 -8.09 -12.85
C LYS C 40 5.35 -8.08 -13.29
N LEU C 41 4.85 -6.88 -13.51
CA LEU C 41 3.58 -6.73 -14.17
C LEU C 41 3.86 -7.02 -15.66
N VAL C 42 3.27 -8.08 -16.19
CA VAL C 42 3.32 -8.41 -17.59
C VAL C 42 2.15 -7.77 -18.31
N PRO C 43 2.43 -6.76 -19.16
CA PRO C 43 1.38 -6.04 -19.88
C PRO C 43 0.79 -6.90 -20.96
N LEU C 44 -0.55 -6.84 -21.06
CA LEU C 44 -1.34 -7.62 -21.96
C LEU C 44 -1.92 -6.81 -23.17
N GLY C 45 -1.59 -5.53 -23.28
CA GLY C 45 -1.86 -4.73 -24.49
C GLY C 45 -3.30 -4.69 -24.96
N VAL C 46 -4.22 -4.72 -24.00
CA VAL C 46 -5.63 -4.63 -24.33
C VAL C 46 -6.31 -3.76 -23.29
N ALA C 47 -7.25 -2.91 -23.74
CA ALA C 47 -8.21 -2.20 -22.86
C ALA C 47 -9.58 -2.51 -23.42
N MET C 48 -10.54 -2.66 -22.53
CA MET C 48 -11.85 -3.20 -22.84
C MET C 48 -12.95 -2.44 -22.08
N GLU C 49 -14.16 -2.40 -22.65
CA GLU C 49 -15.31 -1.87 -21.95
C GLU C 49 -16.24 -3.03 -21.80
N LEU C 50 -16.28 -3.61 -20.60
CA LEU C 50 -17.09 -4.78 -20.38
C LEU C 50 -18.54 -4.37 -20.36
N PRO C 51 -19.47 -5.35 -20.55
CA PRO C 51 -20.89 -5.03 -20.53
C PRO C 51 -21.28 -4.42 -19.22
N GLU C 52 -22.22 -3.50 -19.24
CA GLU C 52 -22.69 -2.95 -17.98
C GLU C 52 -23.15 -4.06 -17.05
N GLY C 53 -22.76 -3.96 -15.79
CA GLY C 53 -23.14 -4.93 -14.76
C GLY C 53 -22.18 -6.11 -14.65
N TYR C 54 -21.10 -6.08 -15.41
CA TYR C 54 -20.14 -7.17 -15.40
C TYR C 54 -18.75 -6.82 -14.91
N GLU C 55 -17.99 -7.89 -14.68
CA GLU C 55 -16.58 -7.80 -14.35
C GLU C 55 -15.89 -8.89 -15.14
N ALA C 56 -14.57 -8.77 -15.24
CA ALA C 56 -13.78 -9.87 -15.84
C ALA C 56 -12.93 -10.57 -14.73
N HIS C 57 -12.67 -11.84 -14.96
CA HIS C 57 -11.84 -12.62 -14.08
C HIS C 57 -10.68 -13.16 -14.89
N VAL C 58 -9.46 -12.95 -14.40
CA VAL C 58 -8.27 -13.41 -15.12
C VAL C 58 -7.59 -14.50 -14.31
N VAL C 59 -7.12 -15.54 -15.00
CA VAL C 59 -6.26 -16.53 -14.39
C VAL C 59 -5.24 -17.11 -15.36
N PRO C 60 -4.24 -17.79 -14.83
CA PRO C 60 -3.26 -18.35 -15.71
C PRO C 60 -3.87 -19.41 -16.61
N ARG C 61 -3.21 -19.77 -17.69
CA ARG C 61 -3.62 -20.97 -18.45
C ARG C 61 -3.07 -22.20 -17.73
N SER C 62 -3.60 -23.40 -18.06
CA SER C 62 -3.13 -24.64 -17.46
CA SER C 62 -3.13 -24.64 -17.46
C SER C 62 -1.63 -24.81 -17.66
N SER C 63 -1.14 -24.49 -18.86
CA SER C 63 0.31 -24.71 -19.15
C SER C 63 1.20 -23.55 -18.80
N THR C 64 0.66 -22.51 -18.19
CA THR C 64 1.48 -21.34 -17.96
C THR C 64 2.66 -21.65 -17.06
N TYR C 65 2.43 -22.37 -15.98
CA TYR C 65 3.53 -22.76 -15.11
C TYR C 65 4.55 -23.67 -15.78
N LYS C 66 4.12 -24.69 -16.49
CA LYS C 66 5.08 -25.57 -17.19
C LYS C 66 5.99 -24.68 -18.11
N ASN C 67 5.37 -23.92 -18.99
CA ASN C 67 6.14 -23.12 -19.93
C ASN C 67 6.87 -21.90 -19.45
N PHE C 68 6.39 -21.18 -18.44
CA PHE C 68 7.13 -19.96 -18.06
C PHE C 68 7.57 -19.88 -16.61
N GLY C 69 7.19 -20.85 -15.78
CA GLY C 69 7.65 -20.89 -14.41
C GLY C 69 7.19 -19.70 -13.58
N VAL C 70 6.00 -19.17 -13.91
CA VAL C 70 5.40 -18.04 -13.18
C VAL C 70 4.08 -18.40 -12.56
N ILE C 71 3.77 -17.72 -11.45
CA ILE C 71 2.47 -17.79 -10.84
C ILE C 71 1.89 -16.38 -10.79
N GLN C 72 0.56 -16.31 -10.70
CA GLN C 72 -0.12 -15.02 -10.67
C GLN C 72 -0.32 -14.63 -9.25
N THR C 73 0.32 -13.54 -8.81
CA THR C 73 0.39 -13.22 -7.37
C THR C 73 -0.95 -12.88 -6.80
N ASN C 74 -1.89 -12.43 -7.62
CA ASN C 74 -3.20 -12.10 -7.11
C ASN C 74 -4.22 -13.24 -7.31
N SER C 75 -3.72 -14.42 -7.69
CA SER C 75 -4.55 -15.63 -7.82
C SER C 75 -5.56 -15.53 -8.97
N MET C 76 -6.64 -14.77 -8.75
CA MET C 76 -7.65 -14.50 -9.78
C MET C 76 -7.81 -12.99 -9.90
N GLY C 77 -7.39 -12.45 -11.02
CA GLY C 77 -7.51 -11.01 -11.22
C GLY C 77 -8.97 -10.63 -11.42
N VAL C 78 -9.42 -9.57 -10.75
CA VAL C 78 -10.75 -8.98 -10.93
C VAL C 78 -10.70 -7.60 -11.62
N ILE C 79 -11.39 -7.49 -12.75
CA ILE C 79 -11.38 -6.28 -13.58
C ILE C 79 -12.81 -5.77 -13.54
N ASP C 80 -13.03 -4.60 -12.98
CA ASP C 80 -14.37 -4.05 -12.90
C ASP C 80 -14.74 -3.25 -14.14
N GLU C 81 -16.04 -3.23 -14.44
CA GLU C 81 -16.57 -2.50 -15.57
C GLU C 81 -16.01 -1.12 -15.64
N SER C 82 -15.76 -0.52 -14.49
CA SER C 82 -15.23 0.86 -14.48
C SER C 82 -13.82 1.00 -15.02
N TYR C 83 -13.07 -0.10 -15.15
CA TYR C 83 -11.68 -0.05 -15.71
C TYR C 83 -11.83 -0.12 -17.22
N LYS C 84 -12.32 0.98 -17.80
CA LYS C 84 -12.55 1.04 -19.25
C LYS C 84 -11.88 2.21 -20.00
N GLY C 85 -11.16 3.07 -19.28
CA GLY C 85 -10.58 4.25 -19.88
C GLY C 85 -9.57 3.90 -20.95
N ASP C 86 -9.15 4.92 -21.66
CA ASP C 86 -8.37 4.77 -22.86
C ASP C 86 -6.94 4.34 -22.58
N ASN C 87 -6.52 4.53 -21.34
CA ASN C 87 -5.21 4.07 -20.87
C ASN C 87 -5.29 2.97 -19.81
N ASP C 88 -6.40 2.24 -19.77
CA ASP C 88 -6.57 1.19 -18.78
C ASP C 88 -6.22 -0.15 -19.40
N PHE C 89 -4.93 -0.38 -19.57
CA PHE C 89 -4.46 -1.63 -20.16
C PHE C 89 -4.36 -2.75 -19.10
N TRP C 90 -4.69 -3.96 -19.52
CA TRP C 90 -4.70 -5.13 -18.65
C TRP C 90 -3.28 -5.59 -18.44
N PHE C 91 -3.02 -6.14 -17.27
CA PHE C 91 -1.75 -6.74 -16.95
C PHE C 91 -1.91 -8.11 -16.22
N PHE C 92 -0.79 -8.84 -16.28
CA PHE C 92 -0.64 -10.10 -15.61
C PHE C 92 0.46 -9.92 -14.54
N PRO C 93 0.05 -9.85 -13.28
CA PRO C 93 1.02 -9.77 -12.22
C PRO C 93 1.66 -11.14 -11.99
N ALA C 94 2.89 -11.30 -12.48
CA ALA C 94 3.61 -12.56 -12.52
C ALA C 94 4.77 -12.57 -11.51
N TYR C 95 4.82 -13.61 -10.67
CA TYR C 95 6.01 -13.92 -9.88
C TYR C 95 6.69 -15.17 -10.40
N ALA C 96 8.01 -15.10 -10.51
CA ALA C 96 8.79 -16.09 -11.26
C ALA C 96 9.42 -17.05 -10.29
N LEU C 97 9.22 -18.34 -10.47
CA LEU C 97 9.80 -19.32 -9.55
C LEU C 97 11.12 -19.88 -10.08
N ARG C 98 11.32 -19.77 -11.38
CA ARG C 98 12.64 -19.90 -12.01
C ARG C 98 12.90 -18.67 -12.93
N ASP C 99 14.16 -18.47 -13.30
CA ASP C 99 14.53 -17.55 -14.40
C ASP C 99 13.65 -17.89 -15.61
N THR C 100 13.05 -16.88 -16.25
CA THR C 100 12.16 -17.13 -17.39
C THR C 100 12.11 -15.98 -18.41
N LYS C 101 11.53 -16.25 -19.58
CA LYS C 101 11.37 -15.26 -20.60
C LYS C 101 10.05 -15.44 -21.30
N ILE C 102 9.20 -14.42 -21.19
CA ILE C 102 7.94 -14.39 -21.96
C ILE C 102 8.20 -13.61 -23.25
N LYS C 103 7.80 -14.15 -24.38
CA LYS C 103 7.91 -13.36 -25.61
C LYS C 103 6.62 -12.65 -25.98
N LYS C 104 6.78 -11.54 -26.68
CA LYS C 104 5.61 -10.85 -27.24
C LYS C 104 4.78 -11.80 -28.08
N GLY C 105 3.49 -11.80 -27.81
CA GLY C 105 2.55 -12.66 -28.49
C GLY C 105 2.11 -13.86 -27.66
N ASP C 106 2.92 -14.27 -26.68
CA ASP C 106 2.68 -15.51 -25.91
C ASP C 106 1.36 -15.47 -25.22
N ARG C 107 0.65 -16.58 -25.21
CA ARG C 107 -0.53 -16.66 -24.40
C ARG C 107 -0.08 -16.95 -22.96
N ILE C 108 -0.36 -16.06 -22.03
CA ILE C 108 0.04 -16.33 -20.66
C ILE C 108 -1.10 -16.40 -19.68
N CYS C 109 -2.31 -15.96 -20.03
CA CYS C 109 -3.43 -16.01 -19.09
C CYS C 109 -4.72 -15.95 -19.81
N GLN C 110 -5.82 -16.02 -19.09
CA GLN C 110 -7.07 -16.18 -19.75
C GLN C 110 -8.18 -15.53 -18.97
N PHE C 111 -9.22 -15.08 -19.66
CA PHE C 111 -10.31 -14.43 -18.94
C PHE C 111 -11.68 -14.87 -19.40
N ARG C 112 -12.65 -14.64 -18.53
CA ARG C 112 -14.05 -14.67 -18.90
C ARG C 112 -14.66 -13.46 -18.24
N ILE C 113 -15.95 -13.24 -18.47
CA ILE C 113 -16.71 -12.18 -17.76
C ILE C 113 -17.78 -12.83 -16.94
N MET C 114 -18.36 -12.06 -16.02
CA MET C 114 -19.35 -12.59 -15.09
C MET C 114 -20.06 -11.42 -14.45
N LYS C 115 -21.29 -11.67 -14.00
CA LYS C 115 -22.15 -10.59 -13.59
C LYS C 115 -21.77 -10.22 -12.23
N LYS C 116 -21.93 -8.95 -11.92
CA LYS C 116 -21.58 -8.50 -10.64
C LYS C 116 -22.58 -8.99 -9.61
N MET C 117 -22.11 -8.88 -8.40
CA MET C 117 -22.87 -9.09 -7.23
C MET C 117 -24.03 -8.13 -7.31
N PRO C 118 -25.23 -8.58 -6.98
CA PRO C 118 -26.31 -7.61 -6.89
C PRO C 118 -26.05 -6.70 -5.72
N ALA C 119 -26.71 -5.55 -5.66
CA ALA C 119 -26.55 -4.64 -4.53
C ALA C 119 -26.88 -5.35 -3.23
N VAL C 120 -26.24 -4.90 -2.16
CA VAL C 120 -26.40 -5.55 -0.88
C VAL C 120 -26.39 -4.51 0.23
N ASP C 121 -27.23 -4.72 1.24
CA ASP C 121 -27.19 -3.89 2.41
C ASP C 121 -26.31 -4.63 3.38
N LEU C 122 -25.34 -3.91 3.93
CA LEU C 122 -24.45 -4.45 4.95
C LEU C 122 -24.88 -3.92 6.31
N ILE C 123 -25.33 -4.79 7.21
CA ILE C 123 -25.76 -4.30 8.51
C ILE C 123 -24.75 -4.70 9.53
N GLU C 124 -24.34 -3.75 10.36
CA GLU C 124 -23.58 -4.12 11.52
C GLU C 124 -24.57 -4.67 12.54
N VAL C 125 -24.12 -5.61 13.37
CA VAL C 125 -24.92 -6.29 14.39
C VAL C 125 -23.94 -6.69 15.49
N ASP C 126 -24.39 -6.65 16.74
CA ASP C 126 -23.54 -6.99 17.89
C ASP C 126 -23.05 -8.44 17.92
N ARG C 127 -23.95 -9.36 17.61
CA ARG C 127 -23.67 -10.82 17.59
C ARG C 127 -24.44 -11.42 16.44
N LEU C 128 -24.29 -12.74 16.21
CA LEU C 128 -25.02 -13.46 15.14
C LEU C 128 -25.92 -14.63 15.62
N MET D 1 22.99 11.19 28.68
CA MET D 1 22.03 10.73 27.63
C MET D 1 22.79 10.00 26.53
N GLN D 2 22.34 8.81 26.14
CA GLN D 2 23.13 8.03 25.19
C GLN D 2 22.34 7.25 24.18
N ILE D 3 22.91 7.17 22.98
CA ILE D 3 22.30 6.44 21.88
C ILE D 3 23.24 5.32 21.61
N LYS D 4 22.73 4.10 21.60
CA LYS D 4 23.55 2.98 21.25
C LYS D 4 23.32 2.73 19.77
N ILE D 5 24.42 2.61 19.03
CA ILE D 5 24.34 2.50 17.59
C ILE D 5 25.09 1.26 17.11
N LYS D 6 24.54 0.64 16.10
CA LYS D 6 25.07 -0.56 15.55
C LYS D 6 25.15 -0.37 14.04
N TYR D 7 26.35 -0.57 13.51
CA TYR D 7 26.62 -0.40 12.10
C TYR D 7 26.41 -1.74 11.42
N LEU D 8 25.94 -1.73 10.18
CA LEU D 8 25.59 -2.94 9.46
C LEU D 8 26.79 -3.82 9.16
N ASP D 9 27.98 -3.24 9.01
CA ASP D 9 29.19 -3.99 8.78
C ASP D 9 30.41 -3.09 9.08
N GLU D 10 31.61 -3.61 8.86
CA GLU D 10 32.85 -2.88 9.20
C GLU D 10 33.14 -1.68 8.28
N THR D 11 32.70 -1.79 7.03
CA THR D 11 32.95 -0.76 6.02
C THR D 11 32.05 0.48 6.13
N GLN D 12 31.03 0.44 6.98
CA GLN D 12 30.18 1.60 7.16
C GLN D 12 31.01 2.72 7.80
N THR D 13 30.79 3.96 7.36
CA THR D 13 31.51 5.08 7.93
C THR D 13 30.80 5.52 9.19
N ARG D 14 31.49 5.36 10.29
CA ARG D 14 30.97 5.73 11.59
C ARG D 14 30.60 7.21 11.68
N ILE D 15 29.56 7.51 12.45
CA ILE D 15 29.02 8.85 12.69
C ILE D 15 29.77 9.66 13.72
N ASN D 16 30.50 9.01 14.58
CA ASN D 16 30.98 9.74 15.73
C ASN D 16 31.66 11.01 15.30
N LYS D 17 31.29 12.07 16.03
CA LYS D 17 30.56 11.94 17.28
C LYS D 17 29.75 13.24 17.54
N MET D 18 28.68 13.12 18.31
CA MET D 18 27.65 14.17 18.42
C MET D 18 27.81 15.10 19.62
N GLU D 19 28.89 15.88 19.71
CA GLU D 19 29.09 16.68 20.95
C GLU D 19 28.21 17.91 21.28
N GLN D 20 28.12 18.90 20.39
CA GLN D 20 27.10 19.95 20.52
C GLN D 20 25.73 19.45 20.07
N GLY D 21 24.71 20.31 20.09
CA GLY D 21 23.35 19.83 19.84
C GLY D 21 22.90 19.68 18.39
N ASP D 22 23.85 19.43 17.48
CA ASP D 22 23.60 19.48 16.05
C ASP D 22 22.88 18.29 15.56
N TRP D 23 22.26 18.42 14.38
CA TRP D 23 21.73 17.26 13.71
C TRP D 23 22.87 16.51 13.10
N ILE D 24 22.69 15.20 12.99
CA ILE D 24 23.71 14.31 12.50
C ILE D 24 23.40 13.79 11.14
N ASP D 25 24.41 13.83 10.27
CA ASP D 25 24.25 13.34 8.94
C ASP D 25 24.39 11.80 8.87
N LEU D 26 23.59 11.18 8.00
CA LEU D 26 23.58 9.76 7.80
C LEU D 26 23.86 9.48 6.36
N ARG D 27 24.52 8.35 6.10
CA ARG D 27 25.15 8.10 4.83
C ARG D 27 24.51 6.95 4.11
N ALA D 28 24.55 6.96 2.78
CA ALA D 28 24.14 5.79 2.02
C ALA D 28 25.07 4.60 2.39
N ALA D 29 24.52 3.42 2.63
CA ALA D 29 25.32 2.23 2.97
C ALA D 29 25.84 1.48 1.75
N GLU D 30 25.25 1.72 0.59
CA GLU D 30 25.63 1.06 -0.62
C GLU D 30 25.33 1.99 -1.81
N ASP D 31 26.04 1.79 -2.93
CA ASP D 31 25.73 2.50 -4.15
C ASP D 31 24.28 2.16 -4.51
N VAL D 32 23.49 3.20 -4.83
CA VAL D 32 22.13 3.05 -5.33
C VAL D 32 21.81 3.95 -6.52
N ALA D 33 21.36 3.32 -7.58
CA ALA D 33 20.96 4.01 -8.79
C ALA D 33 19.44 4.12 -8.76
N ILE D 34 18.89 5.27 -9.14
CA ILE D 34 17.44 5.39 -9.29
C ILE D 34 17.16 6.16 -10.58
N LYS D 35 16.18 5.67 -11.35
CA LYS D 35 15.78 6.30 -12.61
C LYS D 35 14.87 7.44 -12.29
N LYS D 36 14.80 8.44 -13.16
CA LYS D 36 13.76 9.45 -13.04
C LYS D 36 12.40 8.79 -12.76
N ASP D 37 11.71 9.31 -11.76
CA ASP D 37 10.35 8.89 -11.40
C ASP D 37 10.23 7.49 -10.82
N GLU D 38 11.32 6.96 -10.27
CA GLU D 38 11.27 5.68 -9.57
C GLU D 38 11.50 5.91 -8.07
N PHE D 39 11.13 4.92 -7.27
CA PHE D 39 11.31 4.95 -5.82
C PHE D 39 12.22 3.85 -5.33
N LYS D 40 13.00 4.13 -4.29
CA LYS D 40 13.84 3.11 -3.72
C LYS D 40 14.18 3.50 -2.33
N LEU D 41 14.18 2.49 -1.46
CA LEU D 41 14.75 2.62 -0.12
C LEU D 41 16.26 2.73 -0.24
N VAL D 42 16.85 3.80 0.26
CA VAL D 42 18.27 3.87 0.39
C VAL D 42 18.66 3.47 1.81
N PRO D 43 19.37 2.35 1.97
CA PRO D 43 19.72 1.91 3.32
C PRO D 43 20.75 2.84 3.89
N LEU D 44 20.60 3.19 5.16
CA LEU D 44 21.59 4.03 5.83
C LEU D 44 22.58 3.21 6.69
N GLY D 45 22.47 1.87 6.61
CA GLY D 45 23.33 0.92 7.34
C GLY D 45 23.56 1.14 8.81
N VAL D 46 22.56 1.68 9.50
CA VAL D 46 22.64 1.86 10.95
C VAL D 46 21.32 1.50 11.61
N ALA D 47 21.40 1.04 12.85
CA ALA D 47 20.26 0.64 13.66
C ALA D 47 20.64 1.19 15.00
N MET D 48 19.67 1.57 15.81
CA MET D 48 19.96 2.35 17.03
C MET D 48 18.92 2.12 18.10
N GLU D 49 19.33 2.24 19.36
CA GLU D 49 18.41 2.28 20.49
C GLU D 49 18.51 3.67 21.09
N LEU D 50 17.43 4.41 20.98
CA LEU D 50 17.40 5.80 21.40
C LEU D 50 17.11 5.80 22.90
N PRO D 51 17.40 6.91 23.59
CA PRO D 51 17.01 6.96 25.00
C PRO D 51 15.52 6.68 25.20
N GLU D 52 15.14 6.19 26.38
CA GLU D 52 13.74 5.90 26.67
C GLU D 52 12.96 7.21 26.64
N GLY D 53 11.82 7.22 25.95
CA GLY D 53 10.99 8.44 25.85
C GLY D 53 11.28 9.39 24.67
N TYR D 54 12.21 8.99 23.80
CA TYR D 54 12.54 9.77 22.64
C TYR D 54 12.14 9.11 21.32
N GLU D 55 12.02 9.96 20.31
CA GLU D 55 11.99 9.54 18.92
C GLU D 55 13.01 10.32 18.16
N ALA D 56 13.40 9.74 17.03
CA ALA D 56 14.29 10.40 16.07
C ALA D 56 13.47 10.93 14.91
N HIS D 57 13.86 12.13 14.45
CA HIS D 57 13.34 12.71 13.20
C HIS D 57 14.40 12.69 12.11
N VAL D 58 14.01 12.32 10.90
CA VAL D 58 14.93 12.21 9.77
C VAL D 58 14.40 12.96 8.55
N VAL D 59 15.16 13.97 8.12
CA VAL D 59 14.86 14.77 6.93
C VAL D 59 16.07 14.93 6.03
N PRO D 60 15.86 15.31 4.76
CA PRO D 60 17.02 15.53 3.89
C PRO D 60 17.77 16.73 4.31
N ARG D 61 18.95 16.91 3.74
CA ARG D 61 19.69 18.14 3.90
C ARG D 61 19.17 19.12 2.87
N SER D 62 19.45 20.39 3.00
CA SER D 62 19.01 21.36 2.00
C SER D 62 19.58 21.06 0.63
N SER D 63 20.70 20.34 0.59
CA SER D 63 21.48 20.12 -0.63
C SER D 63 21.13 18.83 -1.30
N THR D 64 20.21 18.08 -0.71
CA THR D 64 20.00 16.67 -1.10
C THR D 64 19.45 16.61 -2.49
N TYR D 65 18.54 17.52 -2.82
CA TYR D 65 17.97 17.55 -4.16
C TYR D 65 19.07 17.86 -5.18
N LYS D 66 19.87 18.88 -4.93
CA LYS D 66 20.84 19.34 -5.91
C LYS D 66 21.98 18.34 -6.04
N ASN D 67 22.43 17.79 -4.93
CA ASN D 67 23.50 16.77 -4.98
C ASN D 67 22.97 15.45 -5.53
N PHE D 68 21.81 15.01 -5.05
CA PHE D 68 21.41 13.62 -5.29
C PHE D 68 20.10 13.46 -6.05
N GLY D 69 19.40 14.56 -6.34
CA GLY D 69 18.24 14.49 -7.26
C GLY D 69 17.03 13.72 -6.71
N VAL D 70 16.88 13.68 -5.40
CA VAL D 70 15.83 12.89 -4.78
C VAL D 70 15.12 13.71 -3.72
N ILE D 71 13.83 13.45 -3.54
CA ILE D 71 13.09 13.93 -2.39
C ILE D 71 12.80 12.75 -1.48
N GLN D 72 12.41 13.07 -0.25
CA GLN D 72 12.00 12.10 0.77
C GLN D 72 10.47 11.89 0.85
N THR D 73 10.07 10.72 0.47
CA THR D 73 8.72 10.39 0.19
C THR D 73 7.78 10.54 1.40
N ASN D 74 8.28 10.28 2.59
CA ASN D 74 7.50 10.41 3.79
C ASN D 74 7.65 11.80 4.46
N SER D 75 8.27 12.76 3.76
CA SER D 75 8.55 14.13 4.23
C SER D 75 9.56 14.12 5.36
N MET D 76 9.17 13.54 6.50
CA MET D 76 10.00 13.40 7.66
C MET D 76 9.79 12.01 8.25
N GLY D 77 10.85 11.22 8.33
CA GLY D 77 10.81 9.92 8.99
C GLY D 77 10.76 10.05 10.52
N VAL D 78 9.83 9.34 11.14
CA VAL D 78 9.75 9.27 12.59
C VAL D 78 10.17 7.87 13.08
N ILE D 79 11.31 7.81 13.74
CA ILE D 79 11.88 6.58 14.29
C ILE D 79 11.58 6.56 15.79
N ASP D 80 10.74 5.65 16.24
CA ASP D 80 10.40 5.56 17.69
C ASP D 80 11.46 4.80 18.49
N GLU D 81 11.47 5.05 19.80
CA GLU D 81 12.27 4.27 20.78
C GLU D 81 12.08 2.76 20.63
N SER D 82 10.87 2.30 20.33
CA SER D 82 10.69 0.86 20.11
C SER D 82 11.52 0.24 18.96
N TYR D 83 11.84 1.01 17.92
CA TYR D 83 12.64 0.53 16.78
C TYR D 83 14.11 0.41 17.17
N LYS D 84 14.40 -0.72 17.83
CA LYS D 84 15.59 -0.95 18.67
C LYS D 84 16.24 -2.26 18.34
N GLY D 85 15.65 -3.02 17.44
CA GLY D 85 16.08 -4.37 17.22
C GLY D 85 17.41 -4.45 16.51
N ASP D 86 17.97 -5.65 16.55
CA ASP D 86 19.27 -5.96 16.00
C ASP D 86 19.27 -5.96 14.48
N ASN D 87 18.10 -5.89 13.84
CA ASN D 87 18.05 -5.58 12.41
C ASN D 87 16.98 -4.52 12.07
N ASP D 88 16.73 -3.63 13.03
CA ASP D 88 15.90 -2.45 12.82
C ASP D 88 16.78 -1.33 12.25
N PHE D 89 17.14 -1.51 10.98
CA PHE D 89 18.06 -0.61 10.29
C PHE D 89 17.29 0.57 9.66
N TRP D 90 17.88 1.75 9.72
CA TRP D 90 17.27 2.97 9.15
C TRP D 90 17.34 2.94 7.65
N PHE D 91 16.29 3.40 6.97
CA PHE D 91 16.32 3.64 5.53
CA PHE D 91 16.26 3.63 5.52
C PHE D 91 15.85 5.07 5.18
N PHE D 92 16.29 5.60 4.04
CA PHE D 92 15.82 6.88 3.57
C PHE D 92 14.99 6.58 2.31
N PRO D 93 13.68 6.90 2.34
CA PRO D 93 12.78 6.56 1.25
C PRO D 93 12.79 7.64 0.17
N ALA D 94 13.38 7.30 -0.97
CA ALA D 94 13.83 8.25 -1.93
C ALA D 94 12.99 8.12 -3.17
N TYR D 95 12.49 9.25 -3.66
CA TYR D 95 11.90 9.30 -5.00
C TYR D 95 12.73 10.23 -5.82
N ALA D 96 13.08 9.81 -7.02
CA ALA D 96 14.08 10.52 -7.77
C ALA D 96 13.39 11.39 -8.80
N LEU D 97 13.66 12.69 -8.80
CA LEU D 97 13.03 13.56 -9.81
C LEU D 97 13.90 13.70 -11.03
N ARG D 98 15.06 13.05 -11.03
CA ARG D 98 15.92 12.93 -12.19
C ARG D 98 16.78 11.70 -11.98
N ASP D 99 17.28 11.08 -13.07
CA ASP D 99 18.20 9.92 -12.92
C ASP D 99 19.36 10.32 -12.02
N THR D 100 19.86 9.40 -11.23
CA THR D 100 20.76 9.76 -10.17
C THR D 100 21.44 8.50 -9.70
N LYS D 101 22.68 8.64 -9.24
CA LYS D 101 23.37 7.55 -8.60
C LYS D 101 23.89 8.07 -7.27
N ILE D 102 23.38 7.49 -6.19
CA ILE D 102 23.86 7.82 -4.86
C ILE D 102 25.00 6.84 -4.55
N LYS D 103 26.07 7.33 -3.92
CA LYS D 103 27.20 6.46 -3.60
C LYS D 103 27.26 6.15 -2.15
N LYS D 104 27.79 4.96 -1.87
CA LYS D 104 28.20 4.60 -0.53
C LYS D 104 29.00 5.73 0.11
N GLY D 105 28.55 6.20 1.25
CA GLY D 105 29.20 7.28 1.98
C GLY D 105 28.42 8.61 1.89
N ASP D 106 27.64 8.80 0.83
CA ASP D 106 26.94 10.09 0.62
C ASP D 106 26.01 10.50 1.77
N ARG D 107 26.21 11.70 2.29
CA ARG D 107 25.40 12.20 3.36
C ARG D 107 24.08 12.72 2.82
N ILE D 108 23.05 11.87 2.76
CA ILE D 108 21.83 12.25 2.08
C ILE D 108 20.72 12.79 2.99
N CYS D 109 20.85 12.62 4.28
CA CYS D 109 19.82 13.10 5.21
C CYS D 109 20.40 13.27 6.58
N GLN D 110 19.62 13.86 7.47
CA GLN D 110 20.11 14.22 8.78
C GLN D 110 19.06 13.86 9.81
N PHE D 111 19.51 13.60 11.02
CA PHE D 111 18.56 13.32 12.09
C PHE D 111 18.90 14.01 13.40
N ARG D 112 17.90 13.98 14.27
CA ARG D 112 18.07 14.37 15.64
C ARG D 112 17.05 13.61 16.41
N ILE D 113 17.14 13.68 17.73
CA ILE D 113 16.17 13.04 18.59
C ILE D 113 15.38 14.09 19.34
N MET D 114 14.19 13.72 19.82
CA MET D 114 13.28 14.65 20.46
C MET D 114 12.36 13.92 21.40
N LYS D 115 12.11 14.48 22.60
CA LYS D 115 11.20 13.86 23.59
C LYS D 115 9.88 13.59 22.93
N LYS D 116 9.32 12.41 23.16
CA LYS D 116 8.03 12.07 22.54
C LYS D 116 7.00 12.91 23.18
N MET D 117 5.86 13.03 22.52
CA MET D 117 4.76 13.88 23.02
C MET D 117 4.30 13.30 24.37
N PRO D 118 3.75 14.14 25.23
CA PRO D 118 3.21 13.64 26.50
C PRO D 118 1.98 12.71 26.38
N ALA D 119 1.66 12.02 27.48
CA ALA D 119 0.38 11.30 27.61
C ALA D 119 -0.76 12.26 27.37
N VAL D 120 -1.81 11.81 26.71
CA VAL D 120 -2.93 12.70 26.43
C VAL D 120 -4.24 11.92 26.36
N ASP D 121 -5.34 12.59 26.64
CA ASP D 121 -6.65 11.93 26.50
C ASP D 121 -7.42 12.49 25.35
N LEU D 122 -7.79 11.62 24.44
CA LEU D 122 -8.69 11.99 23.37
C LEU D 122 -10.10 11.94 23.96
N ILE D 123 -10.81 13.05 23.92
CA ILE D 123 -12.16 13.09 24.46
C ILE D 123 -13.14 13.43 23.36
N GLU D 124 -13.93 12.45 22.93
CA GLU D 124 -14.93 12.77 21.94
C GLU D 124 -15.89 13.84 22.54
N VAL D 125 -16.31 14.77 21.69
CA VAL D 125 -17.25 15.81 22.03
C VAL D 125 -18.08 16.04 20.78
N ASP D 126 -19.28 16.61 20.94
CA ASP D 126 -20.16 16.90 19.78
C ASP D 126 -20.05 18.34 19.26
N ARG D 127 -19.66 19.26 20.13
CA ARG D 127 -19.49 20.65 19.74
C ARG D 127 -18.19 21.19 20.32
N LEU D 128 -17.46 21.97 19.55
CA LEU D 128 -16.27 22.55 20.05
C LEU D 128 -16.76 23.95 20.25
N GLY D 129 -16.46 24.52 21.39
CA GLY D 129 -16.94 25.84 21.68
C GLY D 129 -16.62 26.81 20.55
N MET E 1 13.06 35.96 25.15
CA MET E 1 14.23 35.60 24.27
C MET E 1 14.29 36.50 23.04
N GLN E 2 15.46 36.54 22.40
CA GLN E 2 15.69 37.44 21.28
C GLN E 2 16.16 36.72 20.04
N ILE E 3 15.64 37.17 18.91
CA ILE E 3 16.17 36.79 17.64
C ILE E 3 16.52 38.10 17.01
N LYS E 4 17.77 38.27 16.58
CA LYS E 4 18.16 39.47 15.86
C LYS E 4 18.10 39.16 14.38
N ILE E 5 17.64 40.15 13.61
CA ILE E 5 17.29 39.92 12.23
C ILE E 5 17.78 41.05 11.37
N LYS E 6 18.46 40.70 10.28
CA LYS E 6 19.06 41.65 9.37
C LYS E 6 18.37 41.39 8.07
N TYR E 7 17.85 42.45 7.45
CA TYR E 7 17.22 42.37 6.15
C TYR E 7 18.23 42.65 5.07
N LEU E 8 18.05 42.06 3.91
CA LEU E 8 18.99 42.23 2.83
C LEU E 8 19.11 43.69 2.37
N ASP E 9 18.00 44.42 2.45
CA ASP E 9 17.94 45.75 1.83
C ASP E 9 16.81 46.54 2.42
N GLU E 10 16.65 47.80 2.04
CA GLU E 10 15.53 48.54 2.62
C GLU E 10 14.11 48.10 2.20
N THR E 11 14.04 47.46 1.05
CA THR E 11 12.87 47.12 0.29
C THR E 11 12.13 45.86 0.80
N GLN E 12 12.82 44.93 1.48
CA GLN E 12 12.15 43.77 2.11
C GLN E 12 11.08 44.22 3.12
N THR E 13 10.05 43.42 3.28
CA THR E 13 8.95 43.76 4.13
C THR E 13 9.21 43.14 5.48
N ARG E 14 9.41 44.00 6.47
CA ARG E 14 9.78 43.55 7.78
C ARG E 14 8.75 42.57 8.20
N ILE E 15 9.16 41.37 8.59
CA ILE E 15 8.21 40.45 9.11
C ILE E 15 8.15 40.74 10.58
N ASN E 16 7.81 41.96 10.91
CA ASN E 16 7.75 42.42 12.30
C ASN E 16 6.58 41.79 13.04
N LYS E 17 5.56 41.45 12.29
CA LYS E 17 4.42 40.85 12.90
C LYS E 17 5.01 39.61 13.49
N MET E 18 4.81 39.44 14.78
CA MET E 18 5.38 38.32 15.54
C MET E 18 5.04 38.34 17.03
N GLN E 20 2.48 35.95 19.66
CA GLN E 20 2.11 34.69 20.32
C GLN E 20 3.21 33.62 20.07
N GLY E 21 2.95 32.35 20.33
CA GLY E 21 3.89 31.27 19.92
C GLY E 21 3.70 30.71 18.50
N ASP E 22 3.07 31.51 17.63
CA ASP E 22 2.68 31.10 16.29
C ASP E 22 3.88 31.04 15.35
N TRP E 23 3.87 30.12 14.38
CA TRP E 23 4.93 30.11 13.37
C TRP E 23 4.90 31.41 12.62
N ILE E 24 6.05 31.84 12.15
CA ILE E 24 6.16 33.14 11.44
C ILE E 24 6.42 32.98 9.95
N ASP E 25 5.59 33.65 9.15
CA ASP E 25 5.68 33.53 7.69
C ASP E 25 6.89 34.31 7.21
N LEU E 26 7.55 33.81 6.18
CA LEU E 26 8.61 34.54 5.54
C LEU E 26 8.24 34.83 4.09
N ARG E 27 8.86 35.86 3.53
CA ARG E 27 8.52 36.36 2.22
C ARG E 27 9.64 36.16 1.21
N ALA E 28 9.27 36.00 -0.06
CA ALA E 28 10.24 35.77 -1.13
C ALA E 28 10.88 37.13 -1.29
N ALA E 29 12.21 37.16 -1.36
CA ALA E 29 12.98 38.42 -1.41
C ALA E 29 12.96 39.04 -2.80
N GLU E 30 12.56 38.26 -3.81
CA GLU E 30 12.42 38.80 -5.18
C GLU E 30 11.58 37.91 -6.06
N ASP E 31 11.09 38.44 -7.17
CA ASP E 31 10.38 37.64 -8.17
C ASP E 31 11.27 36.49 -8.56
N VAL E 32 10.75 35.28 -8.47
CA VAL E 32 11.47 34.11 -8.94
C VAL E 32 10.52 33.32 -9.81
N ALA E 33 10.91 33.17 -11.08
CA ALA E 33 10.20 32.34 -12.03
C ALA E 33 10.84 30.92 -11.99
N ILE E 34 10.00 29.88 -11.98
CA ILE E 34 10.49 28.49 -12.03
C ILE E 34 9.63 27.72 -13.02
N LYS E 35 10.26 27.11 -13.99
CA LYS E 35 9.56 26.24 -14.92
C LYS E 35 9.31 24.91 -14.22
N LYS E 36 8.29 24.19 -14.69
CA LYS E 36 8.03 22.79 -14.35
C LYS E 36 9.29 21.91 -14.34
N ASP E 37 9.44 21.13 -13.28
CA ASP E 37 10.50 20.13 -13.13
C ASP E 37 11.90 20.74 -13.02
N GLU E 38 11.93 21.97 -12.52
CA GLU E 38 13.15 22.70 -12.37
C GLU E 38 13.18 23.10 -10.90
N PHE E 39 14.38 23.21 -10.34
CA PHE E 39 14.63 23.50 -8.94
C PHE E 39 15.27 24.90 -8.74
N LYS E 40 14.95 25.60 -7.65
CA LYS E 40 15.57 26.89 -7.35
C LYS E 40 15.53 27.30 -5.88
N LEU E 41 16.61 27.92 -5.43
CA LEU E 41 16.65 28.59 -4.18
C LEU E 41 15.88 29.89 -4.33
N VAL E 42 14.81 30.06 -3.57
CA VAL E 42 14.07 31.31 -3.50
C VAL E 42 14.58 32.05 -2.27
N PRO E 43 15.36 33.12 -2.47
CA PRO E 43 15.88 33.85 -1.32
C PRO E 43 14.74 34.43 -0.52
N LEU E 44 14.90 34.47 0.79
CA LEU E 44 13.89 34.95 1.69
C LEU E 44 14.32 36.27 2.34
N GLY E 45 15.49 36.79 1.95
CA GLY E 45 15.86 38.18 2.27
C GLY E 45 16.20 38.44 3.72
N VAL E 46 16.44 37.39 4.46
CA VAL E 46 16.48 37.49 5.89
C VAL E 46 17.71 36.73 6.44
N ALA E 47 18.40 37.30 7.44
CA ALA E 47 19.49 36.61 8.12
C ALA E 47 19.20 36.76 9.59
N MET E 48 19.47 35.76 10.41
CA MET E 48 19.18 35.86 11.83
C MET E 48 20.21 35.24 12.75
N GLU E 49 20.34 35.85 13.93
CA GLU E 49 21.05 35.25 15.07
C GLU E 49 20.00 34.80 16.04
N LEU E 50 19.90 33.48 16.19
CA LEU E 50 18.84 32.86 16.98
C LEU E 50 19.33 32.73 18.41
N PRO E 51 18.46 32.40 19.34
CA PRO E 51 19.01 32.30 20.70
C PRO E 51 19.97 31.13 20.87
N GLU E 52 20.93 31.30 21.77
CA GLU E 52 21.92 30.27 22.11
C GLU E 52 21.29 28.90 22.40
N GLY E 53 21.77 27.87 21.71
CA GLY E 53 21.24 26.52 21.88
C GLY E 53 19.92 26.21 21.20
N TYR E 54 19.47 27.10 20.29
CA TYR E 54 18.23 26.90 19.53
C TYR E 54 18.45 26.68 18.04
N GLU E 55 17.44 26.14 17.37
CA GLU E 55 17.49 26.01 15.89
C GLU E 55 16.19 26.49 15.31
N ALA E 56 16.20 26.90 14.05
CA ALA E 56 14.93 27.28 13.35
C ALA E 56 14.49 26.13 12.45
N HIS E 57 13.19 25.95 12.31
CA HIS E 57 12.65 24.92 11.40
C HIS E 57 11.81 25.65 10.40
N VAL E 58 11.93 25.33 9.13
CA VAL E 58 11.16 26.01 8.09
C VAL E 58 10.33 25.05 7.22
N VAL E 59 9.03 25.28 7.15
CA VAL E 59 8.13 24.52 6.30
C VAL E 59 7.23 25.42 5.44
N PRO E 60 6.67 24.86 4.38
CA PRO E 60 5.79 25.66 3.56
C PRO E 60 4.53 26.04 4.31
N ARG E 61 3.79 26.99 3.77
CA ARG E 61 2.43 27.15 4.23
C ARG E 61 1.66 26.02 3.60
N SER E 62 0.59 25.59 4.24
CA SER E 62 -0.27 24.62 3.63
C SER E 62 -0.77 25.06 2.26
N SER E 63 -0.76 26.36 1.95
CA SER E 63 -1.30 26.80 0.65
C SER E 63 -0.23 27.15 -0.35
N THR E 64 1.00 26.87 -0.02
CA THR E 64 2.10 27.16 -0.90
C THR E 64 1.96 26.42 -2.21
N TYR E 65 1.51 25.19 -2.17
CA TYR E 65 1.33 24.39 -3.37
C TYR E 65 0.24 24.94 -4.24
N LYS E 66 -0.98 25.13 -3.75
CA LYS E 66 -2.03 25.62 -4.64
C LYS E 66 -1.68 26.99 -5.11
N ASN E 67 -1.05 27.81 -4.27
CA ASN E 67 -0.74 29.20 -4.66
C ASN E 67 0.44 29.31 -5.60
N PHE E 68 1.45 28.44 -5.45
CA PHE E 68 2.68 28.59 -6.25
C PHE E 68 3.18 27.32 -6.92
N GLY E 69 2.51 26.21 -6.71
CA GLY E 69 2.89 25.02 -7.43
C GLY E 69 4.30 24.51 -7.13
N VAL E 70 4.83 24.83 -5.94
CA VAL E 70 6.15 24.33 -5.56
C VAL E 70 6.11 23.47 -4.35
N ILE E 71 7.04 22.50 -4.31
CA ILE E 71 7.31 21.82 -3.05
C ILE E 71 8.68 22.22 -2.48
N GLN E 72 8.90 21.93 -1.21
CA GLN E 72 10.16 22.27 -0.53
C GLN E 72 10.97 21.01 -0.42
N THR E 73 12.08 20.92 -1.16
CA THR E 73 12.73 19.63 -1.38
C THR E 73 13.35 19.09 -0.15
N ASN E 74 13.70 19.91 0.81
CA ASN E 74 14.25 19.37 2.05
C ASN E 74 13.17 19.15 3.12
N SER E 75 11.90 19.11 2.72
CA SER E 75 10.80 18.87 3.70
C SER E 75 10.67 19.89 4.86
N MET E 76 11.58 19.82 5.84
CA MET E 76 11.69 20.77 6.93
C MET E 76 13.11 21.28 6.91
N GLY E 77 13.28 22.56 6.64
CA GLY E 77 14.58 23.12 6.68
C GLY E 77 15.01 23.30 8.10
N VAL E 78 16.25 22.94 8.40
CA VAL E 78 16.83 23.09 9.72
C VAL E 78 17.89 24.17 9.65
N ILE E 79 17.68 25.24 10.38
CA ILE E 79 18.67 26.34 10.41
C ILE E 79 19.31 26.39 11.78
N ASP E 80 20.60 26.06 11.84
CA ASP E 80 21.34 26.01 13.09
C ASP E 80 21.69 27.37 13.58
N GLU E 81 21.85 27.49 14.89
CA GLU E 81 22.38 28.71 15.49
C GLU E 81 23.66 29.19 14.81
N SER E 82 24.47 28.26 14.28
CA SER E 82 25.75 28.69 13.67
C SER E 82 25.48 29.61 12.50
N TYR E 83 24.34 29.48 11.85
CA TYR E 83 24.04 30.27 10.63
C TYR E 83 23.61 31.70 11.00
N LYS E 84 24.57 32.47 11.50
CA LYS E 84 24.34 33.86 11.92
C LYS E 84 25.38 34.83 11.36
N GLY E 85 25.99 34.49 10.24
CA GLY E 85 26.85 35.42 9.54
C GLY E 85 26.12 36.64 9.01
N ASP E 86 26.87 37.58 8.49
CA ASP E 86 26.28 38.78 7.92
C ASP E 86 25.73 38.51 6.56
N ASN E 87 26.23 37.44 5.92
CA ASN E 87 25.74 36.96 4.63
C ASN E 87 25.01 35.64 4.70
N ASP E 88 24.61 35.22 5.90
CA ASP E 88 23.86 33.97 6.06
C ASP E 88 22.34 34.16 5.95
N PHE E 89 21.93 34.52 4.74
CA PHE E 89 20.53 34.71 4.36
C PHE E 89 19.80 33.40 4.17
N TRP E 90 18.58 33.32 4.67
CA TRP E 90 17.81 32.10 4.53
C TRP E 90 17.28 31.99 3.11
N PHE E 91 17.08 30.76 2.68
CA PHE E 91 16.47 30.46 1.41
C PHE E 91 15.38 29.40 1.60
N PHE E 92 14.59 29.20 0.55
CA PHE E 92 13.56 28.15 0.47
C PHE E 92 13.86 27.32 -0.81
N PRO E 93 14.25 26.06 -0.66
CA PRO E 93 14.69 25.35 -1.83
C PRO E 93 13.49 24.78 -2.52
N ALA E 94 13.08 25.38 -3.64
CA ALA E 94 11.78 25.09 -4.26
C ALA E 94 11.91 24.22 -5.50
N TYR E 95 11.08 23.18 -5.61
CA TYR E 95 10.91 22.40 -6.85
C TYR E 95 9.48 22.56 -7.33
N ALA E 96 9.36 22.99 -8.57
CA ALA E 96 8.09 23.41 -9.12
C ALA E 96 7.50 22.20 -9.84
N LEU E 97 6.28 21.83 -9.50
CA LEU E 97 5.60 20.76 -10.22
C LEU E 97 4.79 21.35 -11.37
N ARG E 98 4.70 22.68 -11.43
CA ARG E 98 4.10 23.36 -12.57
C ARG E 98 4.85 24.67 -12.84
N ASP E 99 4.67 25.24 -14.02
CA ASP E 99 5.33 26.49 -14.38
C ASP E 99 4.73 27.45 -13.40
N THR E 100 5.57 28.26 -12.74
CA THR E 100 5.11 29.17 -11.72
C THR E 100 5.95 30.44 -11.62
N LYS E 101 5.35 31.46 -11.07
CA LYS E 101 6.04 32.74 -10.83
C LYS E 101 5.80 33.10 -9.39
N ILE E 102 6.85 33.06 -8.56
CA ILE E 102 6.74 33.61 -7.22
C ILE E 102 7.03 35.10 -7.29
N LYS E 103 6.30 35.88 -6.51
CA LYS E 103 6.48 37.34 -6.48
C LYS E 103 7.10 37.81 -5.17
N LYS E 104 7.96 38.82 -5.29
CA LYS E 104 8.54 39.51 -4.16
C LYS E 104 7.51 39.77 -3.07
N GLY E 105 7.86 39.44 -1.84
CA GLY E 105 6.95 39.57 -0.72
C GLY E 105 5.95 38.41 -0.50
N ASP E 106 5.85 37.44 -1.42
CA ASP E 106 4.86 36.36 -1.21
C ASP E 106 5.26 35.54 -0.02
N ARG E 107 4.30 35.32 0.86
CA ARG E 107 4.52 34.53 2.04
C ARG E 107 4.44 33.06 1.64
N ILE E 108 5.59 32.45 1.40
CA ILE E 108 5.64 31.06 0.90
C ILE E 108 6.04 30.04 1.93
N CYS E 109 6.54 30.43 3.09
CA CYS E 109 6.89 29.45 4.10
C CYS E 109 6.84 30.02 5.49
N GLN E 110 7.06 29.19 6.50
CA GLN E 110 6.88 29.64 7.87
C GLN E 110 7.92 28.99 8.76
N PHE E 111 8.30 29.65 9.87
CA PHE E 111 9.30 29.09 10.77
C PHE E 111 8.98 29.28 12.22
N ARG E 112 9.68 28.50 13.04
CA ARG E 112 9.68 28.63 14.49
C ARG E 112 11.04 28.24 14.95
N ILE E 113 11.34 28.56 16.20
CA ILE E 113 12.57 28.11 16.83
C ILE E 113 12.25 27.01 17.79
N MET E 114 13.27 26.26 18.17
CA MET E 114 13.10 25.11 18.99
C MET E 114 14.42 24.73 19.59
N LYS E 115 14.35 24.31 20.85
CA LYS E 115 15.50 23.95 21.64
C LYS E 115 16.29 22.93 20.87
N LYS E 116 17.62 23.11 20.80
CA LYS E 116 18.43 22.10 20.13
C LYS E 116 18.53 20.90 21.00
N MET E 117 18.72 19.78 20.38
CA MET E 117 18.79 18.54 21.08
C MET E 117 19.97 18.57 22.03
N PRO E 118 19.79 17.98 23.19
CA PRO E 118 20.87 17.99 24.22
C PRO E 118 22.11 17.19 23.81
N ALA E 119 23.20 17.32 24.56
CA ALA E 119 24.42 16.50 24.32
C ALA E 119 24.14 15.00 24.35
N VAL E 120 24.86 14.25 23.52
CA VAL E 120 24.67 12.81 23.49
C VAL E 120 25.95 11.98 23.25
N ASP E 121 26.02 10.84 23.95
CA ASP E 121 27.10 9.89 23.68
C ASP E 121 26.63 8.88 22.64
N LEU E 122 27.22 8.98 21.47
CA LEU E 122 27.08 7.94 20.53
C LEU E 122 28.03 6.85 21.03
N ILE E 123 27.48 5.71 21.43
CA ILE E 123 28.29 4.57 21.88
C ILE E 123 28.06 3.47 20.89
N GLU E 124 29.09 3.08 20.13
CA GLU E 124 28.94 1.94 19.23
C GLU E 124 28.92 0.63 20.01
N VAL E 125 28.14 -0.32 19.51
CA VAL E 125 27.93 -1.61 20.12
C VAL E 125 27.76 -2.59 18.97
N ASP E 126 27.96 -3.87 19.23
CA ASP E 126 28.03 -4.88 18.15
C ASP E 126 26.70 -5.63 17.97
N ARG E 127 25.87 -5.65 19.01
CA ARG E 127 24.54 -6.17 18.87
C ARG E 127 23.56 -5.32 19.70
N LEU E 128 22.29 -5.39 19.28
CA LEU E 128 21.15 -4.83 20.00
C LEU E 128 20.15 -5.99 20.24
N GLY E 129 19.16 -5.75 21.10
CA GLY E 129 18.01 -6.66 21.25
C GLY E 129 18.33 -7.90 22.07
N MET F 1 -3.49 16.38 30.35
CA MET F 1 -3.34 16.77 28.93
C MET F 1 -4.54 16.21 28.15
N GLN F 2 -5.34 17.11 27.63
CA GLN F 2 -6.66 16.78 27.15
C GLN F 2 -6.79 17.27 25.73
N ILE F 3 -7.26 16.40 24.84
CA ILE F 3 -7.56 16.79 23.48
C ILE F 3 -9.04 16.56 23.27
N LYS F 4 -9.76 17.61 22.90
CA LYS F 4 -11.14 17.44 22.55
C LYS F 4 -11.22 17.31 21.04
N ILE F 5 -12.12 16.45 20.58
CA ILE F 5 -12.17 16.04 19.19
C ILE F 5 -13.61 15.84 18.69
N LYS F 6 -14.00 16.61 17.69
CA LYS F 6 -15.33 16.50 17.10
C LYS F 6 -15.22 15.81 15.75
N TYR F 7 -15.91 14.70 15.60
CA TYR F 7 -15.94 13.98 14.36
C TYR F 7 -16.99 14.51 13.41
N LEU F 8 -16.68 14.45 12.12
CA LEU F 8 -17.58 14.95 11.07
C LEU F 8 -18.93 14.25 11.05
N ASP F 9 -18.94 12.99 11.47
CA ASP F 9 -20.13 12.20 11.41
C ASP F 9 -19.87 10.84 12.09
N GLU F 10 -20.92 10.05 12.23
CA GLU F 10 -20.89 8.76 12.91
C GLU F 10 -20.08 7.71 12.11
N THR F 11 -20.08 7.87 10.79
CA THR F 11 -19.21 7.11 9.88
C THR F 11 -17.70 7.11 10.17
N GLN F 12 -17.15 8.25 10.57
CA GLN F 12 -15.71 8.35 10.74
C GLN F 12 -15.29 7.32 11.73
N THR F 13 -14.13 6.71 11.53
CA THR F 13 -13.57 5.82 12.54
C THR F 13 -12.97 6.68 13.65
N ARG F 14 -13.24 6.33 14.90
CA ARG F 14 -12.71 7.06 16.06
C ARG F 14 -11.30 6.60 16.28
N ILE F 15 -10.41 7.52 16.66
CA ILE F 15 -8.97 7.31 16.62
C ILE F 15 -8.39 6.72 17.89
N ASN F 16 -9.19 6.58 18.91
CA ASN F 16 -8.60 6.38 20.20
C ASN F 16 -7.54 5.31 20.13
N LYS F 17 -6.44 5.61 20.81
CA LYS F 17 -5.24 4.79 20.88
C LYS F 17 -4.33 5.25 22.02
N GLU F 19 -3.04 7.04 23.58
CA GLU F 19 -1.86 7.90 23.76
C GLU F 19 -0.81 7.35 24.77
N GLN F 20 0.20 6.65 24.22
CA GLN F 20 1.41 6.19 24.95
C GLN F 20 2.63 7.04 24.54
N GLY F 21 2.39 8.26 24.04
CA GLY F 21 3.44 9.08 23.44
C GLY F 21 3.73 8.80 21.96
N ASP F 22 3.02 7.86 21.34
CA ASP F 22 3.24 7.61 19.92
C ASP F 22 2.47 8.60 19.05
N TRP F 23 2.86 8.71 17.78
CA TRP F 23 2.11 9.52 16.83
C TRP F 23 0.78 8.81 16.56
N ILE F 24 -0.25 9.56 16.24
CA ILE F 24 -1.59 8.98 16.13
C ILE F 24 -2.01 9.04 14.70
N ASP F 25 -2.58 7.95 14.22
CA ASP F 25 -2.98 7.82 12.84
C ASP F 25 -4.28 8.58 12.59
N LEU F 26 -4.31 9.33 11.50
CA LEU F 26 -5.51 9.97 11.01
C LEU F 26 -5.97 9.29 9.71
N ARG F 27 -7.26 9.46 9.39
CA ARG F 27 -7.89 8.71 8.32
C ARG F 27 -8.75 9.49 7.34
N ALA F 28 -8.76 9.05 6.09
CA ALA F 28 -9.62 9.62 5.06
C ALA F 28 -11.08 9.58 5.50
N ALA F 29 -11.76 10.71 5.39
CA ALA F 29 -13.18 10.90 5.76
C ALA F 29 -14.15 10.52 4.65
N GLU F 30 -13.63 10.42 3.44
CA GLU F 30 -14.40 10.00 2.29
C GLU F 30 -13.44 9.45 1.25
N ASP F 31 -13.97 8.75 0.26
CA ASP F 31 -13.13 8.25 -0.80
C ASP F 31 -12.60 9.41 -1.61
N VAL F 32 -11.36 9.26 -2.03
CA VAL F 32 -10.69 10.23 -2.84
C VAL F 32 -9.87 9.48 -3.88
N ALA F 33 -10.07 9.91 -5.12
CA ALA F 33 -9.35 9.39 -6.26
C ALA F 33 -8.52 10.57 -6.75
N ILE F 34 -7.21 10.35 -6.90
CA ILE F 34 -6.28 11.37 -7.43
C ILE F 34 -5.55 10.76 -8.61
N LYS F 35 -5.54 11.47 -9.74
CA LYS F 35 -4.74 10.99 -10.87
C LYS F 35 -3.27 11.54 -10.83
N LYS F 36 -2.39 10.82 -11.51
CA LYS F 36 -0.97 11.20 -11.64
C LYS F 36 -0.82 12.70 -11.88
N ASP F 37 -0.11 13.39 -10.99
CA ASP F 37 0.20 14.83 -11.17
C ASP F 37 -0.95 15.77 -10.84
N GLU F 38 -1.96 15.20 -10.20
CA GLU F 38 -3.02 16.02 -9.67
CA GLU F 38 -3.10 15.93 -9.65
C GLU F 38 -2.90 16.09 -8.15
N PHE F 39 -3.41 17.21 -7.62
CA PHE F 39 -3.36 17.56 -6.24
C PHE F 39 -4.76 17.56 -5.65
N LYS F 40 -4.89 17.17 -4.39
CA LYS F 40 -6.18 17.15 -3.71
C LYS F 40 -6.03 17.20 -2.24
N LEU F 41 -6.95 17.93 -1.62
CA LEU F 41 -6.98 18.05 -0.18
C LEU F 41 -7.79 16.86 0.20
N VAL F 42 -7.21 15.97 1.00
CA VAL F 42 -7.89 14.78 1.51
C VAL F 42 -8.42 15.08 2.90
N PRO F 43 -9.76 15.05 3.07
CA PRO F 43 -10.35 15.39 4.38
C PRO F 43 -10.13 14.30 5.41
N LEU F 44 -9.76 14.69 6.63
CA LEU F 44 -9.46 13.76 7.70
C LEU F 44 -10.61 13.66 8.73
N GLY F 45 -11.65 14.47 8.57
CA GLY F 45 -12.90 14.33 9.33
C GLY F 45 -12.78 14.42 10.83
N VAL F 46 -11.87 15.26 11.31
CA VAL F 46 -11.66 15.49 12.75
C VAL F 46 -11.32 16.93 12.93
N ALA F 47 -11.97 17.57 13.88
CA ALA F 47 -11.67 18.94 14.29
C ALA F 47 -11.35 18.72 15.74
N MET F 48 -10.37 19.47 16.24
CA MET F 48 -9.77 19.19 17.53
C MET F 48 -9.47 20.51 18.27
N GLU F 49 -9.57 20.47 19.60
CA GLU F 49 -9.11 21.58 20.43
C GLU F 49 -7.88 21.10 21.14
N LEU F 50 -6.73 21.65 20.80
CA LEU F 50 -5.48 21.20 21.39
C LEU F 50 -5.25 21.81 22.77
N PRO F 51 -4.45 21.14 23.61
CA PRO F 51 -4.09 21.76 24.89
C PRO F 51 -3.52 23.15 24.69
N GLU F 52 -4.09 24.13 25.38
CA GLU F 52 -3.66 25.51 25.18
C GLU F 52 -2.14 25.53 25.40
N GLY F 53 -1.43 26.16 24.47
CA GLY F 53 0.04 26.17 24.49
C GLY F 53 0.68 25.19 23.51
N TYR F 54 -0.13 24.40 22.82
CA TYR F 54 0.38 23.39 21.93
C TYR F 54 0.06 23.62 20.44
N GLU F 55 0.69 22.81 19.61
CA GLU F 55 0.34 22.75 18.19
C GLU F 55 0.39 21.29 17.81
N ALA F 56 -0.16 20.98 16.64
CA ALA F 56 0.05 19.64 16.09
C ALA F 56 0.86 19.69 14.77
N HIS F 57 1.66 18.64 14.61
CA HIS F 57 2.38 18.40 13.41
C HIS F 57 1.79 17.17 12.73
N VAL F 58 1.50 17.28 11.44
CA VAL F 58 0.99 16.17 10.62
C VAL F 58 1.96 15.83 9.46
N VAL F 59 2.31 14.55 9.33
CA VAL F 59 3.25 14.03 8.33
C VAL F 59 2.74 12.73 7.80
N PRO F 60 3.27 12.29 6.68
CA PRO F 60 2.72 11.02 6.22
C PRO F 60 3.14 9.87 7.14
N ARG F 61 2.49 8.73 7.02
CA ARG F 61 2.99 7.50 7.66
C ARG F 61 4.09 6.94 6.80
N SER F 62 4.99 6.16 7.39
CA SER F 62 6.07 5.61 6.58
CA SER F 62 6.06 5.49 6.64
C SER F 62 5.52 4.82 5.39
N SER F 63 4.29 4.38 5.46
CA SER F 63 3.73 3.43 4.51
C SER F 63 2.90 4.16 3.43
N THR F 64 2.64 5.44 3.66
CA THR F 64 1.74 6.22 2.76
C THR F 64 2.16 6.18 1.29
N TYR F 65 3.40 6.52 0.96
CA TYR F 65 3.83 6.45 -0.46
C TYR F 65 3.69 5.06 -1.09
N LYS F 66 4.12 4.00 -0.39
CA LYS F 66 4.09 2.63 -0.95
C LYS F 66 2.67 2.26 -1.31
N ASN F 67 1.76 2.48 -0.36
CA ASN F 67 0.36 2.09 -0.54
C ASN F 67 -0.49 3.05 -1.38
N PHE F 68 -0.17 4.35 -1.46
CA PHE F 68 -1.07 5.29 -2.21
C PHE F 68 -0.40 6.12 -3.27
N GLY F 69 0.92 6.25 -3.19
CA GLY F 69 1.64 6.94 -4.26
C GLY F 69 1.39 8.43 -4.18
N VAL F 70 1.18 8.92 -2.94
CA VAL F 70 1.05 10.35 -2.70
C VAL F 70 2.12 10.90 -1.76
N ILE F 71 2.55 12.13 -2.04
CA ILE F 71 3.38 12.92 -1.12
C ILE F 71 2.60 14.08 -0.49
N GLN F 72 3.06 14.49 0.67
CA GLN F 72 2.41 15.59 1.38
C GLN F 72 3.03 16.88 0.87
N THR F 73 2.17 17.61 0.18
CA THR F 73 2.50 18.83 -0.48
C THR F 73 3.23 19.83 0.42
N ASN F 74 2.76 20.01 1.64
CA ASN F 74 3.36 20.97 2.55
C ASN F 74 4.40 20.37 3.46
N SER F 75 4.67 19.06 3.32
CA SER F 75 5.76 18.40 4.01
C SER F 75 5.40 18.09 5.46
N MET F 76 5.42 19.08 6.33
CA MET F 76 4.93 18.91 7.68
C MET F 76 3.84 19.98 7.96
N GLY F 77 2.59 19.54 8.11
CA GLY F 77 1.50 20.48 8.38
C GLY F 77 1.52 20.90 9.85
N VAL F 78 1.29 22.18 10.10
CA VAL F 78 1.28 22.76 11.43
C VAL F 78 -0.14 23.23 11.75
N ILE F 79 -0.74 22.64 12.77
CA ILE F 79 -2.10 23.01 13.19
C ILE F 79 -1.97 23.82 14.46
N ASP F 80 -2.23 25.13 14.42
CA ASP F 80 -2.18 25.92 15.64
C ASP F 80 -3.26 25.52 16.66
N GLU F 81 -3.01 25.82 17.93
CA GLU F 81 -4.04 25.73 18.95
C GLU F 81 -5.24 26.48 18.46
N SER F 82 -5.04 27.64 17.86
CA SER F 82 -6.17 28.46 17.40
C SER F 82 -7.13 27.78 16.42
N TYR F 83 -6.75 26.66 15.79
CA TYR F 83 -7.62 25.99 14.81
C TYR F 83 -8.52 24.99 15.51
N LYS F 84 -9.51 25.55 16.20
CA LYS F 84 -10.43 24.79 17.04
C LYS F 84 -11.89 25.21 16.88
N GLY F 85 -12.18 25.99 15.84
CA GLY F 85 -13.53 26.26 15.41
C GLY F 85 -14.30 24.98 15.14
N ASP F 86 -15.61 25.10 15.22
CA ASP F 86 -16.52 23.98 15.10
C ASP F 86 -16.44 23.33 13.75
N ASN F 87 -16.14 24.10 12.73
CA ASN F 87 -15.91 23.56 11.42
C ASN F 87 -14.46 23.60 10.99
N ASP F 88 -13.54 23.61 11.92
CA ASP F 88 -12.12 23.56 11.57
C ASP F 88 -11.65 22.12 11.40
N PHE F 89 -11.98 21.52 10.27
CA PHE F 89 -11.60 20.15 10.00
C PHE F 89 -10.21 20.07 9.35
N TRP F 90 -9.44 19.06 9.77
CA TRP F 90 -8.11 18.83 9.27
C TRP F 90 -8.20 18.18 7.93
N PHE F 91 -7.19 18.49 7.11
CA PHE F 91 -7.02 17.86 5.81
C PHE F 91 -5.58 17.46 5.56
N PHE F 92 -5.38 16.58 4.58
CA PHE F 92 -4.04 16.09 4.21
C PHE F 92 -3.77 16.46 2.77
N PRO F 93 -2.95 17.47 2.57
CA PRO F 93 -2.75 17.96 1.22
C PRO F 93 -1.82 17.04 0.40
N ALA F 94 -2.41 16.39 -0.61
CA ALA F 94 -1.87 15.24 -1.29
C ALA F 94 -1.61 15.53 -2.73
N TYR F 95 -0.38 15.29 -3.19
CA TYR F 95 -0.11 15.27 -4.63
C TYR F 95 0.18 13.85 -5.04
N ALA F 96 -0.45 13.38 -6.11
CA ALA F 96 -0.29 11.96 -6.52
C ALA F 96 0.77 11.82 -7.61
N LEU F 97 1.73 10.94 -7.35
CA LEU F 97 2.82 10.68 -8.30
C LEU F 97 2.50 9.45 -9.10
N ARG F 98 1.38 8.83 -8.77
CA ARG F 98 0.73 7.89 -9.68
C ARG F 98 -0.75 7.89 -9.42
N ASP F 99 -1.51 7.37 -10.37
CA ASP F 99 -2.95 7.17 -10.18
C ASP F 99 -3.26 6.45 -8.86
N THR F 100 -4.12 7.02 -8.04
CA THR F 100 -4.34 6.44 -6.75
C THR F 100 -5.79 6.47 -6.33
N LYS F 101 -6.17 5.58 -5.43
CA LYS F 101 -7.47 5.67 -4.76
C LYS F 101 -7.28 5.54 -3.26
N ILE F 102 -7.76 6.51 -2.53
CA ILE F 102 -7.75 6.42 -1.08
C ILE F 102 -9.17 6.07 -0.67
N LYS F 103 -9.31 5.02 0.11
CA LYS F 103 -10.64 4.63 0.59
C LYS F 103 -10.94 5.37 1.88
N LYS F 104 -12.22 5.68 2.09
CA LYS F 104 -12.66 6.19 3.40
C LYS F 104 -12.22 5.23 4.51
N GLY F 105 -11.61 5.75 5.56
CA GLY F 105 -11.10 4.88 6.62
C GLY F 105 -9.61 4.55 6.60
N ASP F 106 -8.98 4.74 5.44
CA ASP F 106 -7.53 4.57 5.29
C ASP F 106 -6.70 5.39 6.29
N ARG F 107 -5.76 4.74 6.95
CA ARG F 107 -4.79 5.43 7.77
C ARG F 107 -3.82 6.06 6.78
N ILE F 108 -3.87 7.38 6.64
CA ILE F 108 -3.09 8.03 5.61
C ILE F 108 -2.04 9.02 6.08
N CYS F 109 -2.08 9.42 7.34
CA CYS F 109 -1.06 10.29 7.90
C CYS F 109 -1.09 10.19 9.41
N GLN F 110 -0.28 11.00 10.06
CA GLN F 110 0.23 10.68 11.38
C GLN F 110 0.32 12.05 12.06
N PHE F 111 -0.04 12.15 13.33
CA PHE F 111 0.13 13.45 14.00
C PHE F 111 0.62 13.30 15.41
N ARG F 112 1.18 14.39 15.92
CA ARG F 112 1.61 14.51 17.32
C ARG F 112 1.44 15.91 17.73
N ILE F 113 1.52 16.13 19.05
CA ILE F 113 1.48 17.49 19.56
C ILE F 113 2.82 17.96 20.05
N MET F 114 2.96 19.26 20.16
CA MET F 114 4.19 19.81 20.67
C MET F 114 4.07 21.23 21.21
N LYS F 115 4.89 21.51 22.24
CA LYS F 115 4.89 22.81 22.88
C LYS F 115 5.18 23.85 21.79
N LYS F 116 4.40 24.91 21.75
CA LYS F 116 4.70 26.00 20.86
C LYS F 116 5.96 26.63 21.33
N MET F 117 6.63 27.38 20.46
CA MET F 117 7.85 28.06 20.82
C MET F 117 7.55 29.05 21.96
N PRO F 118 8.54 29.34 22.80
CA PRO F 118 8.32 30.41 23.78
C PRO F 118 8.24 31.75 23.09
N ALA F 119 7.81 32.76 23.84
CA ALA F 119 7.66 34.09 23.27
C ALA F 119 9.00 34.60 22.82
N VAL F 120 8.99 35.40 21.78
CA VAL F 120 10.23 35.86 21.20
C VAL F 120 10.09 37.32 20.82
N ASP F 121 11.21 38.03 20.84
CA ASP F 121 11.30 39.38 20.36
C ASP F 121 12.18 39.36 19.14
N LEU F 122 11.62 39.88 18.06
CA LEU F 122 12.38 40.15 16.90
C LEU F 122 12.86 41.57 17.04
N ILE F 123 14.18 41.76 16.96
CA ILE F 123 14.82 43.06 16.94
C ILE F 123 15.57 43.17 15.64
N GLU F 124 15.12 44.04 14.74
CA GLU F 124 15.87 44.25 13.50
C GLU F 124 17.17 44.93 13.86
N VAL F 125 18.27 44.51 13.24
CA VAL F 125 19.58 45.16 13.38
C VAL F 125 20.23 45.38 12.01
N ASP F 126 21.26 46.21 11.94
CA ASP F 126 21.90 46.58 10.66
C ASP F 126 23.02 45.60 10.26
N ARG F 127 23.75 45.07 11.25
CA ARG F 127 24.77 44.02 11.04
C ARG F 127 24.61 42.86 12.06
N LEU F 128 25.22 41.72 11.75
CA LEU F 128 25.39 40.63 12.74
C LEU F 128 26.89 40.31 12.94
#